data_4LXS
#
_entry.id   4LXS
#
_cell.length_a   171.278
_cell.length_b   76.824
_cell.length_c   123.822
_cell.angle_alpha   90.00
_cell.angle_beta   126.29
_cell.angle_gamma   90.00
#
_symmetry.space_group_name_H-M   'C 1 2 1'
#
loop_
_entity.id
_entity.type
_entity.pdbx_description
1 polymer 'Protein toll'
2 polymer 'Protein spaetzle C-106'
3 branched alpha-D-mannopyranose-(1-3)-beta-D-mannopyranose-(1-3)-beta-D-mannopyranose-(1-4)-2-acetamido-2-deoxy-beta-D-glucopyranose-(1-4)-2-acetamido-2-deoxy-beta-D-glucopyranose
4 branched 2-acetamido-2-deoxy-beta-D-glucopyranose-(1-4)-2-acetamido-2-deoxy-beta-D-glucopyranose
5 branched beta-D-mannopyranose-(1-4)-2-acetamido-2-deoxy-beta-D-glucopyranose-(1-4)-2-acetamido-2-deoxy-beta-D-glucopyranose
6 non-polymer 2-acetamido-2-deoxy-beta-D-glucopyranose
7 non-polymer '4-(2-HYDROXYETHYL)-1-PIPERAZINE ETHANESULFONIC ACID'
#
loop_
_entity_poly.entity_id
_entity_poly.type
_entity_poly.pdbx_seq_one_letter_code
_entity_poly.pdbx_strand_id
1 'polypeptide(L)'
;SFGRDACSEMSIDGLCQCAPIMSEYEIICPANAENPTFRLTIQPKDYVQIMCNLTDTTDYQQLPKKLRIGEVDRVQMRRC
MLPGHTPIASILDYLGIVSPTTLIFESDNLGMNITRQHLDRLHGLKRFRFTTRRLTHIPANLLTDMRNLSHLELRANIEE
MPSHLFDDLENLESIEFGSNKLRQMPRGIFGKMPKLKQLNLWSNQLHNLTKHDFEGATSVLGIDIHDNGIEQLPHDVFAH
LTNVTDINLSANLFRSLPQGLFDHNKHLNEVRLMNNRVPLATLPSRLFANQPELQILRLRAELQSLPGDLFEHSTQITNI
SLGDNLLKTLPATLLEHQVNLLSLDLSNNRLTHLPDSLFAHTTNLTDLRLEDNLLTGISGDIFSNLGNLVTLVMSRNRLR
TIDSRAFVSTNGLRHLHLDHNDIDLQQPLLDIMLQTQINSPFGYMHGLLTLNLRNNSIIFVYNDWKNTMLQLRELDLSYN
NISSLGYEDLAFLSQNRLHVNMTHNKIRRIALPEDVHLGEGYNNNLVHVDLNDNPLVCDCTILWFIQLVRGVHKPQYSRQ
FKLRTDRLVCSQPNVLEGTPVRQIEPQTLICPLDFSDDPRERKCPRGCNCHVRTYDKALVINCHSGNLTHVPRLPNLHKN
MQLMELHLENNTLLRLPSANTPGYESVTSLHLAGNNLTSIDVDQLPTNLTHLDISWNHLQMLNATVLGFLNRTMKWRSVK
LSGNPWMCDCTAKPLLLFTQDNFERIGDRNEMMCVNAEMPTRMVELSTNDICPAETGHHHHHH
;
A
2 'polypeptide(L)'
;VGGSDERFLCRSIRKLVYPKKGLRADDTWQLIVNNDEYKQAIQIEECEGADQPCDFAANFPQSYNPICKQHYTQQTLASI
KSDGELDVVQNSFKIPSCCKCALKTGLEHHHHHH
;
J,K
#
loop_
_chem_comp.id
_chem_comp.type
_chem_comp.name
_chem_comp.formula
BMA D-saccharide, beta linking beta-D-mannopyranose 'C6 H12 O6'
EPE non-polymer '4-(2-HYDROXYETHYL)-1-PIPERAZINE ETHANESULFONIC ACID' 'C8 H18 N2 O4 S'
MAN D-saccharide, alpha linking alpha-D-mannopyranose 'C6 H12 O6'
NAG D-saccharide, beta linking 2-acetamido-2-deoxy-beta-D-glucopyranose 'C8 H15 N O6'
#
# COMPACT_ATOMS: atom_id res chain seq x y z
N SER A 1 9.77 -23.38 -40.43
CA SER A 1 8.97 -22.97 -41.58
C SER A 1 9.23 -21.51 -41.93
N PHE A 2 8.98 -20.63 -40.96
CA PHE A 2 9.30 -19.22 -41.13
C PHE A 2 10.11 -18.75 -39.94
N GLY A 3 11.35 -18.34 -40.21
CA GLY A 3 12.23 -17.88 -39.15
C GLY A 3 12.93 -16.57 -39.45
N ARG A 4 13.94 -16.26 -38.64
CA ARG A 4 14.75 -15.06 -38.80
C ARG A 4 15.34 -14.94 -40.19
N ASP A 5 15.59 -16.08 -40.82
CA ASP A 5 16.24 -16.10 -42.12
C ASP A 5 15.31 -15.52 -43.19
N ALA A 6 14.06 -15.95 -43.18
CA ALA A 6 13.07 -15.44 -44.11
C ALA A 6 12.80 -13.96 -43.81
N CYS A 7 12.87 -13.64 -42.52
CA CYS A 7 12.57 -12.33 -42.02
C CYS A 7 13.50 -11.25 -42.61
N SER A 8 14.79 -11.55 -42.61
CA SER A 8 15.80 -10.61 -43.10
C SER A 8 15.60 -10.25 -44.57
N GLU A 9 15.09 -11.21 -45.34
CA GLU A 9 14.88 -11.01 -46.77
C GLU A 9 13.68 -10.11 -47.05
N ASP A 13 11.70 -8.05 -49.77
CA ASP A 13 13.00 -7.48 -50.12
C ASP A 13 13.09 -7.06 -51.58
N GLY A 14 12.53 -5.90 -51.93
CA GLY A 14 11.78 -5.07 -51.00
C GLY A 14 10.29 -5.26 -51.22
N LEU A 15 9.71 -6.15 -50.43
CA LEU A 15 8.28 -6.42 -50.47
C LEU A 15 7.65 -5.74 -49.27
N CYS A 16 7.67 -6.44 -48.15
CA CYS A 16 7.27 -5.88 -46.87
C CYS A 16 8.46 -6.14 -45.98
N GLN A 17 8.65 -5.32 -44.97
CA GLN A 17 9.80 -5.49 -44.10
C GLN A 17 9.47 -6.31 -42.86
N CYS A 18 10.39 -7.20 -42.49
CA CYS A 18 10.24 -8.00 -41.29
C CYS A 18 11.36 -7.66 -40.32
N ALA A 19 11.07 -7.75 -39.03
CA ALA A 19 12.05 -7.43 -38.01
C ALA A 19 11.76 -8.24 -36.75
N PRO A 20 12.63 -9.21 -36.43
CA PRO A 20 12.40 -10.10 -35.30
C PRO A 20 12.47 -9.40 -33.96
N ILE A 21 11.35 -9.31 -33.26
CA ILE A 21 11.35 -8.72 -31.92
C ILE A 21 11.00 -9.77 -30.88
N MET A 22 11.50 -9.55 -29.65
CA MET A 22 11.32 -10.49 -28.55
C MET A 22 11.69 -11.91 -28.98
N SER A 23 10.68 -12.71 -29.25
CA SER A 23 10.89 -14.07 -29.75
C SER A 23 10.07 -14.26 -31.01
N GLU A 24 9.32 -13.22 -31.37
CA GLU A 24 8.42 -13.28 -32.51
C GLU A 24 8.94 -12.48 -33.69
N TYR A 25 8.05 -12.20 -34.64
CA TYR A 25 8.41 -11.46 -35.84
C TYR A 25 7.28 -10.54 -36.24
N GLU A 26 7.60 -9.25 -36.42
CA GLU A 26 6.58 -8.25 -36.75
C GLU A 26 6.67 -7.81 -38.20
N ILE A 27 6.02 -8.55 -39.10
CA ILE A 27 6.02 -8.20 -40.52
C ILE A 27 5.07 -7.05 -40.81
N ILE A 28 5.52 -6.12 -41.65
CA ILE A 28 4.77 -4.91 -41.92
C ILE A 28 4.67 -4.68 -43.41
N CYS A 29 3.46 -4.72 -43.93
CA CYS A 29 3.23 -4.48 -45.35
C CYS A 29 2.30 -3.29 -45.55
N PRO A 30 2.74 -2.31 -46.35
CA PRO A 30 4.04 -2.26 -47.03
C PRO A 30 5.17 -1.97 -46.06
N ALA A 31 6.40 -2.11 -46.52
CA ALA A 31 7.57 -1.95 -45.69
C ALA A 31 7.75 -0.51 -45.18
N ASN A 32 7.28 0.47 -45.94
CA ASN A 32 7.49 1.87 -45.57
C ASN A 32 6.23 2.65 -45.21
N ALA A 33 5.09 1.97 -45.23
CA ALA A 33 3.81 2.63 -44.93
C ALA A 33 3.73 3.11 -43.49
N GLU A 34 3.09 4.27 -43.30
CA GLU A 34 2.87 4.81 -41.97
C GLU A 34 1.82 3.95 -41.26
N ASN A 35 0.61 3.96 -41.80
CA ASN A 35 -0.46 3.08 -41.35
C ASN A 35 -0.55 1.92 -42.33
N PRO A 36 0.15 0.81 -42.02
CA PRO A 36 0.35 -0.25 -43.01
C PRO A 36 -0.95 -0.97 -43.30
N THR A 37 -1.04 -1.55 -44.49
CA THR A 37 -2.19 -2.36 -44.85
C THR A 37 -2.29 -3.54 -43.88
N PHE A 38 -1.19 -4.28 -43.75
CA PHE A 38 -1.15 -5.44 -42.87
C PHE A 38 -0.02 -5.35 -41.86
N ARG A 39 -0.20 -6.01 -40.72
CA ARG A 39 0.87 -6.11 -39.75
C ARG A 39 0.87 -7.48 -39.11
N LEU A 40 1.38 -8.46 -39.83
CA LEU A 40 1.47 -9.83 -39.35
C LEU A 40 2.41 -9.90 -38.18
N THR A 41 2.08 -10.73 -37.20
CA THR A 41 2.97 -10.96 -36.06
C THR A 41 3.07 -12.46 -35.86
N ILE A 42 4.19 -13.04 -36.28
CA ILE A 42 4.35 -14.49 -36.23
C ILE A 42 5.21 -14.95 -35.07
N GLN A 43 4.67 -15.88 -34.28
CA GLN A 43 5.44 -16.62 -33.30
C GLN A 43 5.33 -18.10 -33.69
N PRO A 44 6.31 -18.59 -34.46
CA PRO A 44 6.37 -19.92 -35.10
C PRO A 44 5.93 -21.06 -34.19
N LYS A 45 5.32 -22.08 -34.77
CA LYS A 45 4.73 -23.21 -34.04
C LYS A 45 3.55 -22.84 -33.16
N ASP A 46 3.52 -21.61 -32.65
CA ASP A 46 2.46 -21.18 -31.75
C ASP A 46 1.28 -20.55 -32.51
N TYR A 47 1.33 -19.24 -32.68
CA TYR A 47 0.19 -18.53 -33.26
C TYR A 47 0.63 -17.59 -34.39
N VAL A 48 -0.33 -16.82 -34.90
CA VAL A 48 -0.06 -15.77 -35.88
C VAL A 48 -1.21 -14.78 -35.95
N GLN A 49 -0.92 -13.52 -35.62
CA GLN A 49 -1.95 -12.49 -35.65
C GLN A 49 -1.84 -11.64 -36.90
N ILE A 50 -2.96 -11.49 -37.60
CA ILE A 50 -3.00 -10.69 -38.82
C ILE A 50 -3.86 -9.43 -38.63
N MET A 51 -3.19 -8.29 -38.51
CA MET A 51 -3.86 -7.03 -38.21
C MET A 51 -3.97 -6.20 -39.47
N CYS A 52 -5.21 -6.03 -39.94
CA CYS A 52 -5.46 -5.38 -41.20
C CYS A 52 -5.82 -3.90 -41.05
N ASN A 53 -5.79 -3.18 -42.17
CA ASN A 53 -6.26 -1.81 -42.22
C ASN A 53 -6.70 -1.55 -43.66
N LEU A 54 -7.91 -2.00 -43.99
CA LEU A 54 -8.34 -2.12 -45.38
C LEU A 54 -9.52 -1.21 -45.76
N THR A 55 -9.53 -0.75 -47.00
CA THR A 55 -10.61 0.08 -47.53
C THR A 55 -11.58 -0.75 -48.37
N ASP A 56 -11.10 -1.22 -49.51
CA ASP A 56 -11.83 -2.19 -50.31
C ASP A 56 -11.19 -3.56 -50.13
N THR A 57 -11.90 -4.61 -50.52
CA THR A 57 -11.42 -5.98 -50.32
C THR A 57 -10.19 -6.31 -51.17
N THR A 58 -9.87 -5.42 -52.11
CA THR A 58 -8.82 -5.67 -53.10
C THR A 58 -7.41 -5.43 -52.57
N ASP A 59 -7.32 -5.08 -51.29
CA ASP A 59 -6.05 -4.75 -50.68
C ASP A 59 -5.24 -5.99 -50.31
N TYR A 60 -5.89 -7.15 -50.35
CA TYR A 60 -5.24 -8.40 -49.95
C TYR A 60 -4.08 -8.79 -50.86
N GLN A 61 -3.85 -8.02 -51.92
CA GLN A 61 -2.74 -8.25 -52.83
C GLN A 61 -1.41 -7.93 -52.15
N GLN A 62 -1.43 -6.92 -51.29
CA GLN A 62 -0.23 -6.42 -50.64
C GLN A 62 0.23 -7.34 -49.50
N LEU A 63 -0.45 -8.46 -49.35
CA LEU A 63 -0.05 -9.50 -48.42
C LEU A 63 1.32 -10.02 -48.82
N PRO A 64 2.12 -10.47 -47.85
CA PRO A 64 3.45 -10.98 -48.21
C PRO A 64 3.35 -12.28 -49.02
N LYS A 65 4.10 -12.34 -50.12
CA LYS A 65 4.05 -13.49 -51.02
C LYS A 65 5.00 -14.60 -50.56
N LYS A 66 4.57 -15.84 -50.74
CA LYS A 66 5.41 -17.02 -50.46
C LYS A 66 5.99 -17.01 -49.05
N LEU A 67 5.14 -16.90 -48.04
CA LEU A 67 5.62 -16.72 -46.67
C LEU A 67 6.02 -18.01 -45.95
N ARG A 68 5.19 -19.03 -46.08
CA ARG A 68 5.46 -20.35 -45.47
C ARG A 68 5.62 -20.32 -43.94
N ILE A 69 4.52 -20.11 -43.24
CA ILE A 69 4.54 -20.02 -41.78
C ILE A 69 4.49 -21.39 -41.14
N GLY A 70 4.15 -22.40 -41.92
CA GLY A 70 4.08 -23.76 -41.43
C GLY A 70 3.00 -23.96 -40.36
N GLU A 71 3.11 -25.04 -39.61
CA GLU A 71 2.10 -25.37 -38.61
C GLU A 71 1.96 -24.27 -37.56
N VAL A 72 0.73 -24.07 -37.11
CA VAL A 72 0.41 -23.04 -36.13
C VAL A 72 -0.87 -23.43 -35.42
N ASP A 73 -0.96 -23.13 -34.13
CA ASP A 73 -2.11 -23.56 -33.36
C ASP A 73 -3.24 -22.54 -33.40
N ARG A 74 -2.87 -21.27 -33.42
CA ARG A 74 -3.87 -20.22 -33.32
C ARG A 74 -3.73 -19.13 -34.37
N VAL A 75 -4.79 -18.86 -35.11
CA VAL A 75 -4.80 -17.76 -36.06
C VAL A 75 -5.76 -16.68 -35.59
N GLN A 76 -5.30 -15.44 -35.61
CA GLN A 76 -6.08 -14.32 -35.13
C GLN A 76 -6.11 -13.21 -36.17
N MET A 77 -7.31 -12.85 -36.62
CA MET A 77 -7.45 -11.77 -37.58
C MET A 77 -8.19 -10.60 -36.94
N ARG A 78 -7.55 -9.43 -36.95
CA ARG A 78 -8.19 -8.24 -36.42
C ARG A 78 -8.39 -7.18 -37.50
N ARG A 79 -9.57 -6.56 -37.49
CA ARG A 79 -9.90 -5.46 -38.39
C ARG A 79 -9.85 -5.87 -39.87
N CYS A 80 -10.27 -7.08 -40.16
CA CYS A 80 -10.18 -7.59 -41.52
C CYS A 80 -11.48 -7.58 -42.34
N MET A 81 -11.35 -7.37 -43.64
CA MET A 81 -12.47 -7.52 -44.56
C MET A 81 -12.79 -9.00 -44.64
N LEU A 82 -14.07 -9.34 -44.55
CA LEU A 82 -14.50 -10.66 -44.97
C LEU A 82 -14.15 -10.76 -46.45
N PRO A 83 -13.56 -11.89 -46.86
CA PRO A 83 -12.95 -12.04 -48.18
C PRO A 83 -13.93 -12.33 -49.32
N GLY A 84 -14.99 -11.53 -49.44
CA GLY A 84 -15.95 -11.65 -50.53
C GLY A 84 -16.63 -13.01 -50.67
N HIS A 85 -16.47 -13.63 -51.84
CA HIS A 85 -16.96 -14.98 -52.09
C HIS A 85 -15.79 -15.95 -52.06
N THR A 86 -14.78 -15.62 -51.27
CA THR A 86 -13.61 -16.47 -51.16
C THR A 86 -13.54 -17.02 -49.75
N PRO A 87 -13.26 -18.33 -49.60
CA PRO A 87 -13.03 -18.92 -48.29
C PRO A 87 -11.86 -18.22 -47.60
N ILE A 88 -12.01 -17.95 -46.31
CA ILE A 88 -10.92 -17.36 -45.54
C ILE A 88 -9.74 -18.30 -45.59
N ALA A 89 -10.02 -19.60 -45.59
CA ALA A 89 -8.99 -20.63 -45.63
C ALA A 89 -8.06 -20.47 -46.83
N SER A 90 -8.49 -19.68 -47.80
CA SER A 90 -7.65 -19.37 -48.95
C SER A 90 -6.50 -18.48 -48.50
N ILE A 91 -6.83 -17.39 -47.82
CA ILE A 91 -5.84 -16.48 -47.29
C ILE A 91 -4.85 -17.22 -46.40
N LEU A 92 -5.37 -18.13 -45.58
CA LEU A 92 -4.53 -18.95 -44.72
C LEU A 92 -3.60 -19.85 -45.55
N ASP A 93 -4.07 -20.30 -46.71
CA ASP A 93 -3.24 -21.09 -47.61
C ASP A 93 -2.18 -20.24 -48.28
N TYR A 94 -2.57 -19.01 -48.65
CA TYR A 94 -1.68 -18.08 -49.32
C TYR A 94 -0.48 -17.79 -48.45
N LEU A 95 -0.73 -17.62 -47.16
CA LEU A 95 0.35 -17.31 -46.22
C LEU A 95 1.13 -18.55 -45.79
N GLY A 96 0.71 -19.71 -46.25
CA GLY A 96 1.44 -20.94 -45.99
C GLY A 96 1.15 -21.57 -44.65
N ILE A 97 0.08 -21.09 -43.99
CA ILE A 97 -0.35 -21.63 -42.71
C ILE A 97 -0.92 -23.04 -42.88
N VAL A 98 -0.65 -23.91 -41.92
CA VAL A 98 -1.11 -25.29 -42.00
C VAL A 98 -1.79 -25.76 -40.72
N SER A 99 -2.95 -26.39 -40.88
CA SER A 99 -3.73 -26.95 -39.78
C SER A 99 -3.80 -26.12 -38.49
N PRO A 100 -4.57 -25.02 -38.51
CA PRO A 100 -4.85 -24.27 -37.29
C PRO A 100 -5.87 -24.96 -36.40
N THR A 101 -5.73 -24.75 -35.10
CA THR A 101 -6.62 -25.30 -34.08
C THR A 101 -7.62 -24.23 -33.70
N THR A 102 -7.19 -22.98 -33.81
CA THR A 102 -8.04 -21.85 -33.47
C THR A 102 -8.04 -20.79 -34.55
N LEU A 103 -9.23 -20.37 -34.97
CA LEU A 103 -9.34 -19.19 -35.81
C LEU A 103 -10.12 -18.14 -35.05
N ILE A 104 -9.57 -16.93 -34.97
CA ILE A 104 -10.27 -15.83 -34.32
C ILE A 104 -10.50 -14.69 -35.29
N PHE A 105 -11.77 -14.45 -35.61
CA PHE A 105 -12.11 -13.37 -36.53
C PHE A 105 -12.78 -12.24 -35.76
N GLU A 106 -12.11 -11.10 -35.71
CA GLU A 106 -12.50 -10.01 -34.84
C GLU A 106 -12.32 -8.67 -35.54
N SER A 107 -13.36 -8.20 -36.21
CA SER A 107 -13.26 -6.98 -37.00
C SER A 107 -14.50 -6.13 -36.87
N ASP A 108 -14.38 -4.86 -37.25
CA ASP A 108 -15.54 -4.00 -37.34
C ASP A 108 -15.58 -3.40 -38.73
N ASN A 109 -14.71 -3.91 -39.59
CA ASN A 109 -14.73 -3.54 -40.99
C ASN A 109 -14.82 -4.79 -41.82
N LEU A 110 -16.02 -5.36 -41.87
CA LEU A 110 -16.27 -6.65 -42.49
C LEU A 110 -16.46 -6.54 -43.99
N GLY A 111 -17.28 -5.57 -44.41
CA GLY A 111 -17.58 -5.38 -45.81
C GLY A 111 -18.82 -6.14 -46.24
N MET A 112 -19.20 -7.16 -45.47
CA MET A 112 -20.37 -7.97 -45.76
C MET A 112 -20.91 -8.68 -44.51
N ASN A 113 -21.59 -9.79 -44.73
CA ASN A 113 -22.07 -10.63 -43.66
C ASN A 113 -21.37 -11.97 -43.76
N ILE A 114 -21.14 -12.60 -42.63
CA ILE A 114 -20.43 -13.87 -42.57
C ILE A 114 -21.24 -14.94 -43.31
N THR A 115 -20.56 -15.85 -44.00
CA THR A 115 -21.22 -16.90 -44.76
C THR A 115 -20.51 -18.23 -44.54
N ARG A 116 -21.25 -19.34 -44.68
CA ARG A 116 -20.68 -20.67 -44.49
C ARG A 116 -19.47 -20.92 -45.38
N GLN A 117 -19.45 -20.24 -46.53
CA GLN A 117 -18.41 -20.44 -47.52
C GLN A 117 -17.07 -19.94 -47.04
N HIS A 118 -17.10 -18.95 -46.15
CA HIS A 118 -15.89 -18.43 -45.54
C HIS A 118 -15.17 -19.52 -44.75
N LEU A 119 -15.95 -20.48 -44.28
CA LEU A 119 -15.46 -21.52 -43.39
C LEU A 119 -15.27 -22.85 -44.10
N ASP A 120 -14.98 -22.82 -45.39
CA ASP A 120 -14.69 -24.05 -46.09
C ASP A 120 -13.24 -24.40 -45.79
N ARG A 121 -12.97 -25.68 -45.60
CA ARG A 121 -11.63 -26.21 -45.28
C ARG A 121 -11.17 -25.88 -43.86
N LEU A 122 -12.01 -25.17 -43.13
CA LEU A 122 -11.74 -24.89 -41.73
C LEU A 122 -12.78 -25.67 -40.93
N HIS A 123 -13.11 -26.84 -41.44
CA HIS A 123 -13.99 -27.76 -40.76
C HIS A 123 -13.23 -28.49 -39.65
N GLY A 124 -11.90 -28.60 -39.81
CA GLY A 124 -11.05 -29.26 -38.84
C GLY A 124 -10.81 -28.51 -37.53
N LEU A 125 -11.29 -27.27 -37.48
CA LEU A 125 -11.11 -26.38 -36.32
C LEU A 125 -11.62 -26.97 -35.01
N LYS A 126 -11.01 -26.54 -33.91
CA LYS A 126 -11.47 -26.92 -32.59
C LYS A 126 -12.03 -25.70 -31.87
N ARG A 127 -11.59 -24.52 -32.31
CA ARG A 127 -12.00 -23.29 -31.67
C ARG A 127 -12.22 -22.21 -32.72
N PHE A 128 -13.40 -21.58 -32.69
CA PHE A 128 -13.70 -20.47 -33.58
C PHE A 128 -14.33 -19.33 -32.80
N ARG A 129 -13.87 -18.10 -33.05
CA ARG A 129 -14.52 -16.94 -32.47
C ARG A 129 -14.72 -15.87 -33.50
N PHE A 130 -15.93 -15.34 -33.56
CA PHE A 130 -16.27 -14.28 -34.50
C PHE A 130 -16.84 -13.12 -33.71
N THR A 131 -16.20 -11.96 -33.80
CA THR A 131 -16.63 -10.83 -33.01
C THR A 131 -16.69 -9.59 -33.87
N THR A 132 -17.80 -8.86 -33.79
CA THR A 132 -17.93 -7.63 -34.54
C THR A 132 -18.98 -6.73 -33.91
N ARG A 133 -18.70 -5.43 -33.88
CA ARG A 133 -19.66 -4.46 -33.37
C ARG A 133 -20.38 -3.72 -34.50
N ARG A 134 -20.26 -4.26 -35.71
CA ARG A 134 -21.08 -3.83 -36.82
C ARG A 134 -22.48 -4.38 -36.62
N LEU A 135 -23.46 -3.77 -37.27
CA LEU A 135 -24.78 -4.37 -37.35
C LEU A 135 -24.65 -5.43 -38.42
N THR A 136 -24.79 -6.69 -38.03
CA THR A 136 -24.58 -7.78 -38.97
C THR A 136 -25.44 -8.97 -38.62
N HIS A 137 -25.91 -9.65 -39.65
CA HIS A 137 -26.69 -10.85 -39.47
C HIS A 137 -25.81 -12.09 -39.61
N ILE A 138 -26.04 -13.06 -38.73
CA ILE A 138 -25.32 -14.33 -38.80
C ILE A 138 -26.22 -15.45 -39.30
N PRO A 139 -25.86 -16.07 -40.43
CA PRO A 139 -26.64 -17.15 -41.05
C PRO A 139 -26.63 -18.40 -40.18
N ALA A 140 -27.76 -19.10 -40.12
CA ALA A 140 -27.85 -20.31 -39.30
C ALA A 140 -27.27 -21.52 -40.02
N ASN A 141 -26.87 -21.32 -41.27
CA ASN A 141 -26.21 -22.39 -42.01
C ASN A 141 -24.70 -22.21 -41.94
N LEU A 142 -24.28 -21.32 -41.04
CA LEU A 142 -22.89 -20.90 -40.94
C LEU A 142 -21.98 -22.01 -40.44
N LEU A 143 -22.42 -22.69 -39.40
CA LEU A 143 -21.58 -23.72 -38.80
C LEU A 143 -22.01 -25.07 -39.30
N THR A 144 -21.91 -25.25 -40.61
CA THR A 144 -22.27 -26.49 -41.25
C THR A 144 -21.04 -27.35 -41.37
N ASP A 145 -21.19 -28.62 -40.98
CA ASP A 145 -20.10 -29.60 -41.05
C ASP A 145 -18.97 -29.24 -40.11
N MET A 146 -19.29 -28.54 -39.02
CA MET A 146 -18.31 -28.20 -38.01
C MET A 146 -18.31 -29.25 -36.90
N ARG A 147 -17.93 -30.48 -37.26
CA ARG A 147 -17.98 -31.61 -36.35
C ARG A 147 -16.94 -31.56 -35.22
N ASN A 148 -15.94 -30.69 -35.39
CA ASN A 148 -14.83 -30.65 -34.44
C ASN A 148 -14.83 -29.45 -33.52
N LEU A 149 -15.60 -28.43 -33.90
CA LEU A 149 -15.77 -27.28 -33.04
C LEU A 149 -16.06 -27.74 -31.63
N SER A 150 -15.20 -27.38 -30.69
CA SER A 150 -15.40 -27.73 -29.29
C SER A 150 -15.68 -26.47 -28.48
N HIS A 151 -15.20 -25.35 -28.98
CA HIS A 151 -15.44 -24.06 -28.35
C HIS A 151 -15.93 -23.04 -29.37
N LEU A 152 -17.12 -22.51 -29.13
CA LEU A 152 -17.70 -21.50 -30.00
C LEU A 152 -17.93 -20.18 -29.27
N GLU A 153 -17.67 -19.07 -29.93
CA GLU A 153 -18.01 -17.77 -29.38
C GLU A 153 -18.30 -16.78 -30.48
N LEU A 154 -19.50 -16.22 -30.47
CA LEU A 154 -19.88 -15.25 -31.47
C LEU A 154 -20.38 -14.02 -30.73
N ARG A 155 -20.03 -12.84 -31.21
CA ARG A 155 -20.54 -11.61 -30.62
C ARG A 155 -20.82 -10.56 -31.67
N ALA A 156 -22.06 -10.52 -32.14
CA ALA A 156 -22.44 -9.59 -33.20
C ALA A 156 -23.78 -8.93 -32.90
N ASN A 157 -24.04 -8.69 -31.62
CA ASN A 157 -25.32 -8.16 -31.18
C ASN A 157 -26.45 -9.07 -31.65
N ILE A 158 -26.23 -10.37 -31.49
CA ILE A 158 -27.17 -11.39 -31.96
C ILE A 158 -28.50 -11.34 -31.23
N GLU A 159 -29.59 -11.13 -31.97
CA GLU A 159 -30.91 -10.96 -31.37
C GLU A 159 -31.65 -12.26 -31.09
N GLU A 160 -31.35 -13.29 -31.89
CA GLU A 160 -31.95 -14.61 -31.70
C GLU A 160 -31.29 -15.64 -32.60
N MET A 161 -31.12 -16.85 -32.09
CA MET A 161 -30.45 -17.88 -32.85
C MET A 161 -31.31 -19.13 -32.99
N PRO A 162 -31.59 -19.54 -34.23
CA PRO A 162 -32.42 -20.70 -34.54
C PRO A 162 -31.68 -22.02 -34.37
N SER A 163 -32.37 -22.97 -33.75
CA SER A 163 -31.80 -24.26 -33.36
C SER A 163 -30.94 -24.95 -34.42
N HIS A 164 -31.34 -24.83 -35.69
CA HIS A 164 -30.65 -25.54 -36.76
C HIS A 164 -29.28 -24.96 -37.08
N LEU A 165 -28.74 -24.17 -36.15
CA LEU A 165 -27.38 -23.69 -36.25
C LEU A 165 -26.46 -24.76 -35.70
N PHE A 166 -26.83 -25.26 -34.52
CA PHE A 166 -26.05 -26.27 -33.82
C PHE A 166 -26.33 -27.67 -34.34
N ASP A 167 -26.36 -27.84 -35.66
CA ASP A 167 -26.73 -29.13 -36.23
C ASP A 167 -25.56 -30.09 -36.29
N ASP A 168 -24.38 -29.60 -36.66
CA ASP A 168 -23.20 -30.44 -36.81
C ASP A 168 -22.19 -30.20 -35.70
N LEU A 169 -22.64 -29.55 -34.63
CA LEU A 169 -21.77 -29.18 -33.51
C LEU A 169 -21.78 -30.25 -32.43
N GLU A 170 -21.61 -31.50 -32.84
CA GLU A 170 -21.77 -32.65 -31.95
C GLU A 170 -20.71 -32.70 -30.86
N ASN A 171 -19.57 -32.07 -31.14
CA ASN A 171 -18.45 -32.12 -30.22
C ASN A 171 -18.27 -30.84 -29.44
N LEU A 172 -19.21 -29.92 -29.61
CA LEU A 172 -19.14 -28.64 -28.92
C LEU A 172 -19.38 -28.85 -27.44
N GLU A 173 -18.38 -28.45 -26.64
CA GLU A 173 -18.43 -28.60 -25.19
C GLU A 173 -18.75 -27.29 -24.48
N SER A 174 -18.34 -26.17 -25.07
CA SER A 174 -18.53 -24.86 -24.44
C SER A 174 -19.03 -23.77 -25.39
N ILE A 175 -20.01 -23.00 -24.92
CA ILE A 175 -20.65 -21.95 -25.70
C ILE A 175 -20.47 -20.60 -25.04
N GLU A 176 -20.02 -19.60 -25.79
CA GLU A 176 -19.90 -18.24 -25.27
C GLU A 176 -20.63 -17.22 -26.14
N PHE A 177 -21.82 -16.81 -25.69
CA PHE A 177 -22.62 -15.83 -26.43
C PHE A 177 -22.95 -14.59 -25.60
N GLY A 178 -22.02 -14.15 -24.77
CA GLY A 178 -22.21 -12.95 -23.99
C GLY A 178 -22.21 -11.68 -24.83
N SER A 179 -22.89 -10.65 -24.34
CA SER A 179 -23.00 -9.36 -25.03
C SER A 179 -23.62 -9.46 -26.42
N ASN A 180 -24.56 -10.38 -26.55
CA ASN A 180 -25.46 -10.44 -27.69
C ASN A 180 -26.82 -9.98 -27.20
N LYS A 181 -27.85 -10.07 -28.04
CA LYS A 181 -29.16 -9.57 -27.64
C LYS A 181 -30.19 -10.67 -27.42
N LEU A 182 -29.74 -11.88 -27.11
CA LEU A 182 -30.65 -13.02 -26.93
C LEU A 182 -31.78 -12.73 -25.95
N ARG A 183 -33.01 -12.76 -26.48
CA ARG A 183 -34.18 -12.45 -25.65
C ARG A 183 -34.82 -13.74 -25.17
N GLN A 184 -34.46 -14.85 -25.80
CA GLN A 184 -35.02 -16.14 -25.44
C GLN A 184 -34.04 -17.27 -25.68
N MET A 185 -34.08 -18.27 -24.81
CA MET A 185 -33.28 -19.47 -24.98
C MET A 185 -33.81 -20.33 -26.14
N PRO A 186 -32.94 -20.63 -27.11
CA PRO A 186 -33.26 -21.52 -28.24
C PRO A 186 -33.74 -22.87 -27.76
N ARG A 187 -34.90 -23.30 -28.25
CA ARG A 187 -35.44 -24.61 -27.88
C ARG A 187 -34.79 -25.72 -28.70
N GLY A 188 -34.78 -26.92 -28.13
CA GLY A 188 -34.24 -28.10 -28.80
C GLY A 188 -32.82 -27.95 -29.29
N ILE A 189 -31.89 -27.73 -28.37
CA ILE A 189 -30.49 -27.52 -28.74
C ILE A 189 -29.53 -28.49 -28.05
N PHE A 190 -29.87 -28.90 -26.83
CA PHE A 190 -28.94 -29.71 -26.04
C PHE A 190 -28.87 -31.13 -26.56
N GLY A 191 -29.87 -31.53 -27.34
CA GLY A 191 -29.87 -32.82 -27.97
C GLY A 191 -28.82 -32.94 -29.06
N LYS A 192 -28.45 -31.80 -29.66
CA LYS A 192 -27.48 -31.82 -30.74
C LYS A 192 -26.05 -31.69 -30.22
N MET A 193 -25.94 -31.29 -28.95
CA MET A 193 -24.65 -31.10 -28.31
C MET A 193 -24.62 -31.84 -26.98
N PRO A 194 -24.30 -33.14 -27.02
CA PRO A 194 -24.37 -34.02 -25.85
C PRO A 194 -23.14 -33.92 -24.94
N LYS A 195 -22.18 -33.10 -25.34
CA LYS A 195 -20.94 -32.94 -24.58
C LYS A 195 -20.77 -31.51 -24.09
N LEU A 196 -21.84 -30.72 -24.20
CA LEU A 196 -21.77 -29.32 -23.83
C LEU A 196 -21.62 -29.17 -22.32
N LYS A 197 -20.60 -28.44 -21.89
CA LYS A 197 -20.37 -28.26 -20.45
C LYS A 197 -20.52 -26.82 -19.99
N GLN A 198 -19.93 -25.87 -20.71
CA GLN A 198 -20.07 -24.48 -20.32
C GLN A 198 -21.09 -23.76 -21.19
N LEU A 199 -21.97 -22.98 -20.56
CA LEU A 199 -22.97 -22.24 -21.30
C LEU A 199 -23.00 -20.77 -20.87
N ASN A 200 -22.11 -19.95 -21.42
CA ASN A 200 -22.06 -18.54 -21.03
C ASN A 200 -23.07 -17.70 -21.79
N LEU A 201 -24.07 -17.18 -21.06
CA LEU A 201 -25.10 -16.36 -21.67
C LEU A 201 -25.27 -15.02 -20.95
N TRP A 202 -24.19 -14.53 -20.38
CA TRP A 202 -24.19 -13.24 -19.69
C TRP A 202 -24.41 -12.07 -20.64
N SER A 203 -24.81 -10.93 -20.08
CA SER A 203 -25.03 -9.72 -20.86
C SER A 203 -25.90 -9.92 -22.11
N ASN A 204 -27.06 -10.54 -21.92
CA ASN A 204 -28.07 -10.61 -22.97
C ASN A 204 -29.35 -9.93 -22.53
N GLN A 205 -30.49 -10.60 -22.74
CA GLN A 205 -31.78 -10.12 -22.28
C GLN A 205 -32.64 -11.28 -21.79
N LEU A 206 -32.01 -12.42 -21.54
CA LEU A 206 -32.72 -13.66 -21.19
C LEU A 206 -33.67 -13.56 -20.00
N HIS A 207 -34.66 -12.70 -20.11
CA HIS A 207 -35.58 -12.44 -19.01
C HIS A 207 -36.33 -13.68 -18.54
N ASN A 208 -37.45 -13.97 -19.18
CA ASN A 208 -38.32 -15.05 -18.73
C ASN A 208 -37.82 -16.42 -19.16
N LEU A 209 -36.73 -16.88 -18.57
CA LEU A 209 -36.31 -18.26 -18.80
C LEU A 209 -37.28 -19.13 -18.05
N THR A 210 -37.30 -20.43 -18.37
CA THR A 210 -38.18 -21.35 -17.67
C THR A 210 -37.74 -22.81 -17.81
N LYS A 211 -38.15 -23.64 -16.85
CA LYS A 211 -37.82 -25.06 -16.75
C LYS A 211 -37.70 -25.78 -18.09
N HIS A 212 -38.50 -25.34 -19.06
CA HIS A 212 -38.49 -25.93 -20.38
C HIS A 212 -37.23 -25.55 -21.16
N ASP A 213 -36.68 -24.38 -20.86
CA ASP A 213 -35.52 -23.86 -21.60
C ASP A 213 -34.23 -24.69 -21.44
N PHE A 214 -34.22 -25.62 -20.49
CA PHE A 214 -33.00 -26.38 -20.23
C PHE A 214 -33.19 -27.88 -20.35
N GLU A 215 -34.30 -28.28 -20.95
CA GLU A 215 -34.63 -29.69 -21.14
C GLU A 215 -33.59 -30.40 -21.99
N GLY A 216 -32.90 -31.37 -21.40
CA GLY A 216 -31.91 -32.14 -22.13
C GLY A 216 -30.49 -31.69 -21.82
N ALA A 217 -30.37 -30.66 -20.99
CA ALA A 217 -29.07 -30.14 -20.59
C ALA A 217 -28.52 -30.84 -19.33
N THR A 218 -28.47 -32.16 -19.36
CA THR A 218 -27.88 -32.91 -18.26
C THR A 218 -26.41 -33.13 -18.54
N SER A 219 -25.92 -32.50 -19.60
CA SER A 219 -24.51 -32.53 -19.95
C SER A 219 -23.85 -31.29 -19.37
N VAL A 220 -24.66 -30.25 -19.15
CA VAL A 220 -24.18 -28.93 -18.75
C VAL A 220 -23.71 -28.84 -17.29
N LEU A 221 -22.51 -28.29 -17.12
CA LEU A 221 -21.91 -28.14 -15.81
C LEU A 221 -22.00 -26.70 -15.34
N GLY A 222 -21.57 -25.77 -16.18
CA GLY A 222 -21.60 -24.36 -15.84
C GLY A 222 -22.51 -23.51 -16.72
N ILE A 223 -23.40 -22.76 -16.08
CA ILE A 223 -24.29 -21.86 -16.80
C ILE A 223 -24.23 -20.44 -16.22
N ASP A 224 -23.74 -19.50 -17.00
CA ASP A 224 -23.65 -18.12 -16.55
C ASP A 224 -24.76 -17.30 -17.19
N ILE A 225 -25.57 -16.65 -16.37
CA ILE A 225 -26.62 -15.77 -16.88
C ILE A 225 -26.56 -14.39 -16.21
N HIS A 226 -25.38 -14.00 -15.78
CA HIS A 226 -25.23 -12.72 -15.09
C HIS A 226 -25.45 -11.57 -16.06
N ASP A 227 -25.71 -10.38 -15.52
CA ASP A 227 -26.08 -9.22 -16.34
C ASP A 227 -27.19 -9.62 -17.30
N ASN A 228 -28.37 -9.95 -16.77
CA ASN A 228 -29.48 -10.36 -17.61
C ASN A 228 -30.84 -9.87 -17.10
N GLY A 229 -30.82 -8.75 -16.39
CA GLY A 229 -32.04 -8.08 -15.95
C GLY A 229 -33.09 -8.93 -15.25
N ILE A 230 -32.79 -10.20 -15.04
CA ILE A 230 -33.69 -11.15 -14.40
C ILE A 230 -34.29 -10.62 -13.09
N GLU A 231 -35.59 -10.33 -13.15
CA GLU A 231 -36.32 -9.80 -12.01
C GLU A 231 -36.69 -10.92 -11.05
N GLN A 232 -36.98 -12.11 -11.59
CA GLN A 232 -37.29 -13.28 -10.77
C GLN A 232 -37.32 -14.58 -11.59
N LEU A 233 -36.95 -15.68 -10.94
CA LEU A 233 -36.88 -16.98 -11.60
C LEU A 233 -37.92 -17.94 -11.05
N PRO A 234 -38.53 -18.73 -11.94
CA PRO A 234 -39.33 -19.90 -11.56
C PRO A 234 -38.50 -20.89 -10.75
N HIS A 235 -39.10 -21.48 -9.73
CA HIS A 235 -38.39 -22.37 -8.81
C HIS A 235 -37.90 -23.68 -9.42
N ASP A 236 -37.98 -23.80 -10.74
CA ASP A 236 -37.58 -25.03 -11.40
C ASP A 236 -36.79 -24.75 -12.66
N VAL A 237 -36.37 -23.50 -12.83
CA VAL A 237 -35.62 -23.09 -14.02
C VAL A 237 -34.47 -24.03 -14.27
N PHE A 238 -33.82 -24.44 -13.19
CA PHE A 238 -32.64 -25.29 -13.27
C PHE A 238 -32.98 -26.76 -13.09
N ALA A 239 -34.27 -27.08 -13.00
CA ALA A 239 -34.71 -28.43 -12.64
C ALA A 239 -34.21 -29.52 -13.59
N HIS A 240 -33.92 -29.12 -14.83
CA HIS A 240 -33.37 -30.05 -15.81
C HIS A 240 -31.85 -30.04 -15.77
N LEU A 241 -31.28 -29.04 -15.11
CA LEU A 241 -29.83 -28.93 -14.98
C LEU A 241 -29.35 -29.76 -13.79
N THR A 242 -29.45 -31.09 -13.90
CA THR A 242 -29.23 -31.94 -12.73
C THR A 242 -27.77 -32.05 -12.25
N ASN A 243 -26.82 -31.97 -13.18
CA ASN A 243 -25.41 -32.05 -12.80
C ASN A 243 -24.68 -30.72 -12.96
N VAL A 244 -25.43 -29.63 -12.81
CA VAL A 244 -24.85 -28.30 -12.91
C VAL A 244 -23.99 -28.05 -11.67
N THR A 245 -22.87 -27.34 -11.85
CA THR A 245 -21.95 -27.09 -10.75
C THR A 245 -21.60 -25.61 -10.58
N ASP A 246 -21.74 -24.81 -11.62
CA ASP A 246 -21.47 -23.38 -11.50
C ASP A 246 -22.59 -22.52 -12.05
N ILE A 247 -23.35 -21.89 -11.17
CA ILE A 247 -24.38 -20.96 -11.59
C ILE A 247 -23.87 -19.55 -11.35
N ASN A 248 -24.45 -18.57 -12.03
CA ASN A 248 -24.05 -17.19 -11.84
C ASN A 248 -25.21 -16.26 -12.17
N LEU A 249 -25.86 -15.78 -11.12
CA LEU A 249 -27.08 -14.99 -11.27
C LEU A 249 -26.79 -13.53 -10.97
N SER A 250 -25.59 -13.08 -11.34
CA SER A 250 -25.13 -11.77 -10.91
C SER A 250 -25.61 -10.61 -11.78
N ALA A 251 -25.45 -9.41 -11.26
CA ALA A 251 -25.75 -8.18 -11.99
C ALA A 251 -27.20 -8.08 -12.43
N ASN A 252 -28.06 -8.93 -11.86
CA ASN A 252 -29.46 -8.95 -12.22
C ASN A 252 -30.31 -7.99 -11.40
N LEU A 253 -31.57 -8.33 -11.20
CA LEU A 253 -32.52 -7.42 -10.55
C LEU A 253 -33.44 -8.11 -9.55
N PHE A 254 -32.98 -9.21 -8.95
CA PHE A 254 -33.80 -9.95 -8.01
C PHE A 254 -34.25 -9.12 -6.82
N ARG A 255 -35.54 -9.20 -6.50
CA ARG A 255 -36.06 -8.63 -5.26
C ARG A 255 -36.29 -9.78 -4.30
N SER A 256 -36.47 -10.96 -4.87
CA SER A 256 -36.68 -12.18 -4.08
C SER A 256 -36.35 -13.40 -4.92
N LEU A 257 -36.25 -14.55 -4.26
CA LEU A 257 -35.97 -15.81 -4.92
C LEU A 257 -36.90 -16.86 -4.36
N PRO A 258 -37.35 -17.81 -5.20
CA PRO A 258 -38.23 -18.87 -4.73
C PRO A 258 -37.45 -19.94 -4.00
N GLN A 259 -38.06 -20.52 -2.98
CA GLN A 259 -37.41 -21.61 -2.25
C GLN A 259 -37.34 -22.85 -3.14
N GLY A 260 -36.40 -23.74 -2.84
CA GLY A 260 -36.19 -24.92 -3.64
C GLY A 260 -35.54 -24.61 -4.97
N LEU A 261 -35.05 -23.39 -5.13
CA LEU A 261 -34.45 -22.93 -6.38
C LEU A 261 -33.33 -23.84 -6.88
N PHE A 262 -32.55 -24.41 -5.95
CA PHE A 262 -31.47 -25.33 -6.30
C PHE A 262 -31.72 -26.75 -5.81
N ASP A 263 -32.95 -27.02 -5.37
CA ASP A 263 -33.34 -28.31 -4.82
C ASP A 263 -33.00 -29.52 -5.70
N HIS A 264 -33.10 -29.35 -7.01
CA HIS A 264 -32.87 -30.47 -7.95
C HIS A 264 -31.42 -30.56 -8.41
N ASN A 265 -30.61 -29.59 -7.99
CA ASN A 265 -29.20 -29.55 -8.39
C ASN A 265 -28.27 -29.74 -7.19
N LYS A 266 -28.22 -30.97 -6.69
CA LYS A 266 -27.39 -31.29 -5.55
C LYS A 266 -25.99 -31.69 -5.99
N HIS A 267 -25.50 -31.08 -7.07
CA HIS A 267 -24.12 -31.27 -7.49
C HIS A 267 -23.39 -29.93 -7.53
N LEU A 268 -24.07 -28.89 -7.05
CA LEU A 268 -23.54 -27.53 -7.02
C LEU A 268 -22.16 -27.45 -6.38
N ASN A 269 -21.31 -26.61 -6.95
CA ASN A 269 -19.94 -26.49 -6.50
C ASN A 269 -19.63 -25.03 -6.19
N GLU A 270 -20.44 -24.13 -6.74
CA GLU A 270 -20.24 -22.70 -6.60
C GLU A 270 -21.38 -21.94 -7.23
N VAL A 271 -22.14 -21.24 -6.40
CA VAL A 271 -23.15 -20.31 -6.87
C VAL A 271 -22.62 -18.91 -6.60
N ARG A 272 -22.92 -17.97 -7.49
CA ARG A 272 -22.53 -16.58 -7.27
C ARG A 272 -23.69 -15.64 -7.61
N LEU A 273 -24.07 -14.81 -6.64
CA LEU A 273 -25.13 -13.82 -6.83
C LEU A 273 -24.57 -12.45 -6.49
N MET A 274 -23.52 -12.06 -7.19
CA MET A 274 -22.84 -10.82 -6.87
C MET A 274 -23.49 -9.61 -7.51
N ASN A 275 -23.38 -8.47 -6.84
CA ASN A 275 -23.67 -7.16 -7.42
C ASN A 275 -25.06 -6.96 -8.03
N ASN A 276 -26.08 -7.49 -7.36
CA ASN A 276 -27.45 -7.30 -7.80
C ASN A 276 -27.81 -5.83 -7.94
N ARG A 277 -28.15 -5.43 -9.16
CA ARG A 277 -28.42 -4.02 -9.46
C ARG A 277 -29.60 -3.41 -8.70
N VAL A 278 -30.35 -4.23 -7.96
CA VAL A 278 -31.34 -3.72 -7.00
C VAL A 278 -31.29 -4.51 -5.68
N PRO A 279 -31.61 -3.84 -4.55
CA PRO A 279 -31.62 -4.39 -3.19
C PRO A 279 -32.43 -5.66 -2.99
N LEU A 280 -31.75 -6.76 -2.70
CA LEU A 280 -32.38 -8.04 -2.38
C LEU A 280 -32.32 -8.32 -0.87
N ALA A 281 -33.45 -8.14 -0.19
CA ALA A 281 -33.54 -8.16 1.27
C ALA A 281 -32.93 -9.38 1.95
N THR A 282 -33.30 -10.57 1.48
CA THR A 282 -32.83 -11.81 2.10
C THR A 282 -32.97 -13.01 1.17
N LEU A 283 -32.23 -14.07 1.49
CA LEU A 283 -32.32 -15.32 0.74
C LEU A 283 -33.33 -16.23 1.42
N PRO A 284 -34.21 -16.88 0.63
CA PRO A 284 -35.21 -17.82 1.14
C PRO A 284 -34.61 -18.98 1.95
N SER A 285 -35.41 -19.56 2.84
CA SER A 285 -35.00 -20.66 3.69
C SER A 285 -34.25 -21.76 2.93
N ARG A 286 -33.29 -22.37 3.62
CA ARG A 286 -32.56 -23.55 3.12
C ARG A 286 -32.09 -23.45 1.67
N LEU A 287 -31.86 -22.22 1.20
CA LEU A 287 -31.50 -21.99 -0.19
C LEU A 287 -30.28 -22.79 -0.60
N PHE A 288 -29.27 -22.83 0.26
CA PHE A 288 -28.08 -23.62 -0.03
C PHE A 288 -27.98 -24.87 0.86
N ALA A 289 -29.09 -25.20 1.52
CA ALA A 289 -29.10 -26.34 2.44
C ALA A 289 -29.16 -27.68 1.74
N ASN A 290 -28.55 -28.68 2.36
CA ASN A 290 -28.55 -30.06 1.89
C ASN A 290 -27.79 -30.23 0.59
N GLN A 291 -26.72 -29.46 0.43
CA GLN A 291 -25.88 -29.50 -0.76
C GLN A 291 -24.54 -30.21 -0.49
N PRO A 292 -24.45 -31.50 -0.86
CA PRO A 292 -23.30 -32.36 -0.58
C PRO A 292 -21.97 -31.97 -1.23
N GLU A 293 -21.97 -31.10 -2.23
CA GLU A 293 -20.72 -30.77 -2.92
C GLU A 293 -20.44 -29.27 -2.95
N LEU A 294 -21.36 -28.48 -2.40
CA LEU A 294 -21.27 -27.02 -2.46
C LEU A 294 -20.05 -26.51 -1.71
N GLN A 295 -19.22 -25.72 -2.39
CA GLN A 295 -18.02 -25.18 -1.79
C GLN A 295 -17.99 -23.66 -1.76
N ILE A 296 -17.50 -23.06 -2.84
CA ILE A 296 -17.38 -21.62 -2.94
C ILE A 296 -18.76 -20.97 -3.05
N LEU A 297 -18.91 -19.81 -2.42
CA LEU A 297 -20.13 -19.03 -2.53
C LEU A 297 -19.80 -17.53 -2.56
N ARG A 298 -20.59 -16.77 -3.30
CA ARG A 298 -20.36 -15.34 -3.43
C ARG A 298 -21.69 -14.62 -3.46
N LEU A 299 -21.99 -13.86 -2.41
CA LEU A 299 -23.27 -13.18 -2.31
C LEU A 299 -23.06 -11.69 -2.06
N ARG A 300 -23.68 -10.87 -2.89
CA ARG A 300 -23.61 -9.42 -2.75
C ARG A 300 -24.82 -8.79 -3.43
N ALA A 301 -25.89 -8.61 -2.66
CA ALA A 301 -27.11 -8.04 -3.20
C ALA A 301 -27.68 -7.05 -2.21
N GLU A 302 -26.82 -6.47 -1.39
CA GLU A 302 -27.23 -5.60 -0.28
C GLU A 302 -28.20 -6.34 0.62
N LEU A 303 -27.83 -7.56 0.97
CA LEU A 303 -28.65 -8.40 1.83
C LEU A 303 -28.78 -7.77 3.20
N GLN A 304 -29.97 -7.88 3.79
CA GLN A 304 -30.24 -7.30 5.10
C GLN A 304 -30.21 -8.35 6.21
N SER A 305 -30.48 -9.59 5.88
CA SER A 305 -30.54 -10.66 6.87
C SER A 305 -30.39 -12.03 6.24
N LEU A 306 -30.24 -13.06 7.08
CA LEU A 306 -30.06 -14.41 6.59
C LEU A 306 -30.79 -15.40 7.50
N PRO A 307 -31.22 -16.53 6.93
CA PRO A 307 -31.80 -17.64 7.70
C PRO A 307 -30.69 -18.54 8.24
N GLY A 308 -30.86 -19.08 9.44
CA GLY A 308 -29.85 -19.92 10.04
C GLY A 308 -29.64 -21.21 9.25
N ASP A 309 -30.72 -21.65 8.61
CA ASP A 309 -30.70 -22.89 7.84
C ASP A 309 -30.28 -22.65 6.39
N LEU A 310 -29.69 -21.49 6.12
CA LEU A 310 -29.25 -21.14 4.77
C LEU A 310 -28.20 -22.10 4.23
N PHE A 311 -27.31 -22.57 5.11
CA PHE A 311 -26.28 -23.52 4.70
C PHE A 311 -26.43 -24.86 5.40
N GLU A 312 -27.62 -25.12 5.95
CA GLU A 312 -27.88 -26.32 6.75
C GLU A 312 -27.49 -27.62 6.04
N HIS A 313 -26.66 -28.42 6.69
CA HIS A 313 -26.16 -29.70 6.16
C HIS A 313 -25.19 -29.59 4.97
N SER A 314 -24.76 -28.38 4.64
CA SER A 314 -23.86 -28.19 3.51
C SER A 314 -22.41 -28.19 3.99
N THR A 315 -22.00 -29.32 4.55
CA THR A 315 -20.74 -29.41 5.29
C THR A 315 -19.49 -29.40 4.41
N GLN A 316 -19.59 -28.82 3.22
CA GLN A 316 -18.44 -28.83 2.32
C GLN A 316 -17.94 -27.45 1.93
N ILE A 317 -18.76 -26.43 2.19
CA ILE A 317 -18.42 -25.06 1.88
C ILE A 317 -17.01 -24.72 2.33
N THR A 318 -16.23 -24.08 1.47
CA THR A 318 -14.88 -23.68 1.84
C THR A 318 -14.69 -22.15 1.86
N ASN A 319 -15.24 -21.45 0.87
CA ASN A 319 -15.19 -19.99 0.90
C ASN A 319 -16.59 -19.39 0.87
N ILE A 320 -16.78 -18.26 1.55
CA ILE A 320 -18.04 -17.51 1.50
C ILE A 320 -17.73 -16.03 1.44
N SER A 321 -18.29 -15.33 0.47
CA SER A 321 -18.14 -13.89 0.39
C SER A 321 -19.47 -13.22 0.66
N LEU A 322 -19.71 -12.88 1.91
CA LEU A 322 -20.89 -12.11 2.28
C LEU A 322 -20.53 -10.66 2.48
N GLY A 323 -19.42 -10.25 1.87
CA GLY A 323 -18.96 -8.88 1.93
C GLY A 323 -19.87 -7.95 1.15
N ASP A 324 -19.77 -6.66 1.46
CA ASP A 324 -20.50 -5.60 0.77
C ASP A 324 -22.01 -5.77 0.80
N ASN A 325 -22.55 -6.22 1.92
CA ASN A 325 -23.99 -6.30 2.09
C ASN A 325 -24.51 -5.23 3.04
N LEU A 326 -25.63 -5.52 3.69
CA LEU A 326 -26.23 -4.62 4.66
C LEU A 326 -26.58 -5.35 5.94
N LEU A 327 -25.92 -6.48 6.16
CA LEU A 327 -26.15 -7.30 7.36
C LEU A 327 -25.95 -6.51 8.64
N LYS A 328 -26.93 -6.57 9.53
CA LYS A 328 -26.83 -5.88 10.80
C LYS A 328 -26.19 -6.83 11.79
N THR A 329 -26.60 -8.09 11.70
CA THR A 329 -26.01 -9.17 12.50
C THR A 329 -26.13 -10.46 11.71
N LEU A 330 -25.79 -11.57 12.33
CA LEU A 330 -26.00 -12.88 11.73
C LEU A 330 -26.76 -13.79 12.69
N PRO A 331 -27.54 -14.74 12.15
CA PRO A 331 -28.12 -15.74 13.05
C PRO A 331 -26.99 -16.63 13.57
N ALA A 332 -27.17 -17.20 14.76
CA ALA A 332 -26.09 -17.91 15.43
C ALA A 332 -25.76 -19.24 14.77
N THR A 333 -26.80 -19.92 14.29
CA THR A 333 -26.65 -21.27 13.76
C THR A 333 -26.09 -21.30 12.34
N LEU A 334 -26.02 -20.12 11.72
CA LEU A 334 -25.70 -19.97 10.31
C LEU A 334 -24.53 -20.81 9.83
N LEU A 335 -23.53 -21.00 10.69
CA LEU A 335 -22.37 -21.78 10.28
C LEU A 335 -22.16 -23.03 11.14
N GLU A 336 -23.26 -23.60 11.64
CA GLU A 336 -23.18 -24.76 12.52
C GLU A 336 -22.49 -25.97 11.88
N HIS A 337 -22.84 -26.27 10.63
CA HIS A 337 -22.35 -27.49 9.99
C HIS A 337 -21.15 -27.24 9.07
N GLN A 338 -20.74 -25.99 8.95
CA GLN A 338 -19.73 -25.62 7.96
C GLN A 338 -18.33 -25.89 8.47
N VAL A 339 -18.10 -27.14 8.90
CA VAL A 339 -16.83 -27.57 9.48
C VAL A 339 -15.62 -27.19 8.63
N ASN A 340 -15.76 -27.37 7.32
CA ASN A 340 -14.62 -27.21 6.41
C ASN A 340 -14.45 -25.82 5.84
N LEU A 341 -15.23 -24.86 6.34
CA LEU A 341 -15.11 -23.47 5.93
C LEU A 341 -13.68 -22.96 6.16
N LEU A 342 -13.20 -22.11 5.28
CA LEU A 342 -11.80 -21.69 5.29
C LEU A 342 -11.64 -20.18 5.27
N SER A 343 -12.68 -19.46 4.82
CA SER A 343 -12.56 -18.02 4.62
C SER A 343 -13.92 -17.32 4.59
N LEU A 344 -14.42 -16.95 5.76
CA LEU A 344 -15.60 -16.10 5.84
C LEU A 344 -15.14 -14.68 5.58
N ASP A 345 -16.02 -13.87 5.00
CA ASP A 345 -15.68 -12.50 4.65
C ASP A 345 -16.91 -11.63 4.76
N LEU A 346 -17.05 -10.97 5.91
CA LEU A 346 -18.19 -10.11 6.17
C LEU A 346 -17.80 -8.65 6.09
N SER A 347 -16.79 -8.35 5.27
CA SER A 347 -16.35 -6.98 5.09
C SER A 347 -17.46 -6.06 4.56
N ASN A 348 -17.48 -4.84 5.06
CA ASN A 348 -18.47 -3.83 4.68
C ASN A 348 -19.92 -4.22 4.92
N ASN A 349 -20.33 -4.20 6.17
CA ASN A 349 -21.73 -4.34 6.53
C ASN A 349 -22.05 -3.37 7.65
N ARG A 350 -23.21 -3.56 8.27
CA ARG A 350 -23.55 -2.79 9.45
C ARG A 350 -23.52 -3.74 10.65
N LEU A 351 -22.62 -4.71 10.59
CA LEU A 351 -22.47 -5.70 11.64
C LEU A 351 -22.14 -5.04 12.96
N THR A 352 -23.00 -5.22 13.96
CA THR A 352 -22.79 -4.64 15.28
C THR A 352 -22.50 -5.70 16.33
N HIS A 353 -22.87 -6.95 16.04
CA HIS A 353 -22.57 -8.06 16.94
C HIS A 353 -22.68 -9.41 16.25
N LEU A 354 -21.81 -10.34 16.64
CA LEU A 354 -21.83 -11.68 16.09
C LEU A 354 -21.97 -12.67 17.23
N PRO A 355 -23.19 -13.20 17.43
CA PRO A 355 -23.53 -14.24 18.41
C PRO A 355 -22.33 -15.13 18.75
N ASP A 356 -21.93 -15.16 20.02
CA ASP A 356 -20.68 -15.78 20.46
C ASP A 356 -20.44 -17.21 20.00
N SER A 357 -21.51 -17.86 19.54
CA SER A 357 -21.44 -19.25 19.09
C SER A 357 -21.40 -19.34 17.57
N LEU A 358 -21.15 -18.21 16.90
CA LEU A 358 -21.21 -18.19 15.44
C LEU A 358 -20.14 -19.07 14.83
N PHE A 359 -18.90 -18.85 15.25
CA PHE A 359 -17.80 -19.68 14.80
C PHE A 359 -17.56 -20.83 15.77
N ALA A 360 -18.65 -21.34 16.35
CA ALA A 360 -18.58 -22.45 17.29
C ALA A 360 -17.96 -23.68 16.63
N HIS A 361 -18.53 -24.08 15.50
CA HIS A 361 -18.11 -25.33 14.87
C HIS A 361 -17.16 -25.11 13.69
N THR A 362 -17.01 -23.87 13.22
CA THR A 362 -16.16 -23.59 12.07
C THR A 362 -14.68 -23.84 12.36
N THR A 363 -14.37 -25.07 12.74
CA THR A 363 -13.09 -25.45 13.35
C THR A 363 -11.88 -25.23 12.45
N ASN A 364 -12.11 -25.13 11.15
CA ASN A 364 -11.01 -25.07 10.17
C ASN A 364 -10.77 -23.68 9.61
N LEU A 365 -11.64 -22.76 9.99
CA LEU A 365 -11.58 -21.37 9.56
C LEU A 365 -10.16 -20.81 9.60
N THR A 366 -9.71 -20.23 8.51
CA THR A 366 -8.35 -19.73 8.40
C THR A 366 -8.30 -18.21 8.29
N ASP A 367 -8.88 -17.68 7.23
CA ASP A 367 -8.96 -16.23 7.07
C ASP A 367 -10.35 -15.73 7.44
N LEU A 368 -10.43 -14.85 8.42
CA LEU A 368 -11.67 -14.15 8.71
C LEU A 368 -11.50 -12.66 8.46
N ARG A 369 -12.50 -12.06 7.82
CA ARG A 369 -12.48 -10.63 7.53
C ARG A 369 -13.77 -10.00 8.05
N LEU A 370 -13.63 -8.89 8.77
CA LEU A 370 -14.77 -8.26 9.43
C LEU A 370 -14.64 -6.75 9.32
N GLU A 371 -13.64 -6.30 8.56
CA GLU A 371 -13.36 -4.88 8.41
C GLU A 371 -14.50 -4.06 7.83
N ASP A 372 -14.61 -2.83 8.31
CA ASP A 372 -15.67 -1.91 7.91
C ASP A 372 -17.05 -2.36 8.38
N ASN A 373 -17.18 -2.46 9.69
CA ASN A 373 -18.44 -2.73 10.33
C ASN A 373 -18.56 -1.90 11.59
N LEU A 374 -19.60 -2.13 12.37
CA LEU A 374 -19.81 -1.38 13.59
C LEU A 374 -19.65 -2.30 14.78
N LEU A 375 -18.69 -3.22 14.67
CA LEU A 375 -18.37 -4.09 15.78
C LEU A 375 -17.79 -3.22 16.87
N THR A 376 -17.92 -3.63 18.13
CA THR A 376 -17.55 -2.75 19.22
C THR A 376 -16.67 -3.39 20.28
N GLY A 377 -16.30 -4.64 20.09
CA GLY A 377 -15.41 -5.27 21.05
C GLY A 377 -15.36 -6.75 20.84
N ILE A 378 -14.21 -7.34 21.15
CA ILE A 378 -14.03 -8.77 21.04
C ILE A 378 -14.33 -9.43 22.38
N SER A 379 -15.24 -10.38 22.38
CA SER A 379 -15.59 -11.13 23.58
C SER A 379 -14.56 -12.23 23.81
N GLY A 380 -14.92 -13.21 24.62
CA GLY A 380 -13.98 -14.23 25.03
C GLY A 380 -14.20 -15.57 24.37
N ASP A 381 -15.44 -15.80 23.95
CA ASP A 381 -15.82 -17.08 23.34
C ASP A 381 -15.92 -17.00 21.82
N ILE A 382 -15.97 -15.78 21.28
CA ILE A 382 -16.18 -15.59 19.85
C ILE A 382 -15.11 -16.28 18.99
N PHE A 383 -13.89 -16.39 19.50
CA PHE A 383 -12.80 -17.00 18.72
C PHE A 383 -12.17 -18.20 19.43
N SER A 384 -12.85 -18.68 20.46
CA SER A 384 -12.31 -19.71 21.34
C SER A 384 -12.23 -21.10 20.73
N ASN A 385 -12.29 -21.17 19.40
CA ASN A 385 -12.21 -22.43 18.67
C ASN A 385 -11.34 -22.32 17.42
N LEU A 386 -11.00 -21.09 17.07
CA LEU A 386 -10.27 -20.83 15.84
C LEU A 386 -8.76 -20.99 16.02
N GLY A 387 -8.34 -22.17 16.44
CA GLY A 387 -6.94 -22.45 16.61
C GLY A 387 -6.19 -22.45 15.29
N ASN A 388 -6.95 -22.50 14.21
CA ASN A 388 -6.39 -22.58 12.87
C ASN A 388 -6.34 -21.24 12.14
N LEU A 389 -7.20 -20.32 12.58
CA LEU A 389 -7.26 -18.96 12.04
C LEU A 389 -5.88 -18.31 11.92
N VAL A 390 -5.41 -18.13 10.69
CA VAL A 390 -4.05 -17.66 10.45
C VAL A 390 -3.95 -16.15 10.39
N THR A 391 -4.88 -15.51 9.70
CA THR A 391 -4.83 -14.05 9.62
C THR A 391 -6.21 -13.42 9.77
N LEU A 392 -6.29 -12.34 10.55
CA LEU A 392 -7.57 -11.75 10.93
C LEU A 392 -7.62 -10.23 10.75
N VAL A 393 -8.76 -9.75 10.28
CA VAL A 393 -8.92 -8.33 9.97
C VAL A 393 -10.19 -7.79 10.61
N MET A 394 -10.06 -6.66 11.32
CA MET A 394 -11.22 -5.95 11.86
C MET A 394 -10.97 -4.47 11.72
N SER A 395 -10.18 -4.12 10.71
CA SER A 395 -9.86 -2.74 10.43
C SER A 395 -11.09 -1.88 10.26
N ARG A 396 -10.99 -0.61 10.61
CA ARG A 396 -12.08 0.33 10.43
C ARG A 396 -13.40 -0.19 10.97
N ASN A 397 -13.41 -0.57 12.25
CA ASN A 397 -14.65 -0.75 12.97
C ASN A 397 -14.75 0.27 14.09
N ARG A 398 -15.48 -0.08 15.13
CA ARG A 398 -15.55 0.75 16.32
C ARG A 398 -15.29 -0.11 17.54
N LEU A 399 -14.27 -0.97 17.46
CA LEU A 399 -13.87 -1.82 18.57
C LEU A 399 -13.35 -0.95 19.70
N ARG A 400 -13.82 -1.24 20.92
CA ARG A 400 -13.43 -0.47 22.10
C ARG A 400 -12.94 -1.41 23.21
N THR A 401 -13.43 -2.64 23.20
CA THR A 401 -13.23 -3.54 24.32
C THR A 401 -12.79 -4.93 23.88
N ILE A 402 -11.49 -5.12 23.72
CA ILE A 402 -10.95 -6.45 23.55
C ILE A 402 -10.84 -7.14 24.91
N ASP A 403 -11.67 -8.15 25.11
CA ASP A 403 -11.62 -8.99 26.31
C ASP A 403 -10.21 -9.50 26.50
N SER A 404 -9.90 -9.89 27.74
CA SER A 404 -8.59 -10.46 28.04
C SER A 404 -8.52 -11.88 27.50
N ARG A 405 -9.55 -12.66 27.79
CA ARG A 405 -9.60 -14.07 27.39
C ARG A 405 -9.88 -14.20 25.89
N ALA A 406 -10.01 -13.06 25.21
CA ALA A 406 -10.36 -13.03 23.78
C ALA A 406 -9.48 -13.90 22.89
N PHE A 407 -8.15 -13.71 22.99
CA PHE A 407 -7.20 -14.31 22.06
C PHE A 407 -6.33 -15.43 22.64
N VAL A 408 -6.90 -16.27 23.48
CA VAL A 408 -6.12 -17.29 24.17
C VAL A 408 -5.94 -18.57 23.35
N SER A 409 -6.94 -18.91 22.54
CA SER A 409 -6.92 -20.15 21.77
C SER A 409 -6.44 -19.95 20.33
N THR A 410 -6.34 -18.69 19.92
CA THR A 410 -5.93 -18.39 18.56
C THR A 410 -4.41 -18.46 18.40
N ASN A 411 -3.85 -19.63 18.68
CA ASN A 411 -2.41 -19.85 18.55
C ASN A 411 -1.99 -20.00 17.09
N GLY A 412 -2.96 -20.07 16.19
CA GLY A 412 -2.69 -20.22 14.77
C GLY A 412 -2.56 -18.87 14.08
N LEU A 413 -2.89 -17.80 14.80
CA LEU A 413 -2.88 -16.46 14.24
C LEU A 413 -1.46 -15.97 14.01
N ARG A 414 -1.27 -15.20 12.96
CA ARG A 414 0.03 -14.67 12.60
C ARG A 414 -0.08 -13.20 12.24
N HIS A 415 -1.22 -12.83 11.67
CA HIS A 415 -1.45 -11.47 11.22
C HIS A 415 -2.76 -10.92 11.79
N LEU A 416 -2.63 -9.91 12.64
CA LEU A 416 -3.77 -9.34 13.35
C LEU A 416 -3.90 -7.85 13.07
N HIS A 417 -4.96 -7.47 12.38
CA HIS A 417 -5.18 -6.08 12.00
C HIS A 417 -6.40 -5.49 12.70
N LEU A 418 -6.19 -4.73 13.78
CA LEU A 418 -7.29 -4.05 14.44
C LEU A 418 -7.18 -2.55 14.27
N ASP A 419 -6.62 -2.11 13.16
CA ASP A 419 -6.40 -0.69 12.92
C ASP A 419 -7.70 0.12 12.84
N HIS A 420 -7.58 1.42 13.04
CA HIS A 420 -8.69 2.37 12.88
C HIS A 420 -9.89 2.05 13.77
N ASN A 421 -9.62 1.81 15.04
CA ASN A 421 -10.67 1.62 16.03
C ASN A 421 -10.49 2.57 17.20
N ASP A 422 -11.18 2.29 18.30
CA ASP A 422 -11.08 3.10 19.50
C ASP A 422 -10.53 2.27 20.65
N ILE A 423 -9.54 1.44 20.37
CA ILE A 423 -8.97 0.58 21.39
C ILE A 423 -7.84 1.29 22.15
N ASP A 424 -7.90 1.22 23.47
CA ASP A 424 -6.93 1.85 24.36
C ASP A 424 -6.32 0.82 25.30
N LEU A 425 -6.99 -0.32 25.42
CA LEU A 425 -6.64 -1.37 26.39
C LEU A 425 -6.85 -0.86 27.81
N GLN A 426 -7.62 0.22 27.91
CA GLN A 426 -8.14 0.76 29.18
C GLN A 426 -7.09 1.06 30.25
N GLN A 427 -5.83 1.15 29.85
CA GLN A 427 -4.75 1.29 30.82
C GLN A 427 -4.73 2.64 31.53
N PRO A 428 -4.86 2.61 32.86
CA PRO A 428 -4.60 3.77 33.70
C PRO A 428 -3.15 4.17 33.50
N LEU A 429 -2.90 5.47 33.40
CA LEU A 429 -1.58 5.96 33.05
C LEU A 429 -0.58 5.80 34.21
N LEU A 430 -1.09 5.56 35.41
CA LEU A 430 -0.23 5.48 36.58
C LEU A 430 0.50 4.14 36.71
N ASP A 431 -0.12 3.07 36.21
CA ASP A 431 0.55 1.76 36.14
C ASP A 431 1.64 1.79 35.09
N ILE A 432 1.47 2.69 34.12
CA ILE A 432 2.46 2.87 33.06
C ILE A 432 3.72 3.50 33.59
N MET A 433 3.57 4.66 34.22
CA MET A 433 4.70 5.41 34.77
C MET A 433 5.48 4.56 35.77
N LEU A 434 4.79 3.65 36.45
CA LEU A 434 5.42 2.78 37.43
C LEU A 434 5.82 1.43 36.83
N GLN A 435 6.17 1.46 35.53
CA GLN A 435 6.71 0.32 34.79
C GLN A 435 6.07 -1.04 35.10
N THR A 436 4.76 -1.05 35.30
CA THR A 436 4.06 -2.28 35.66
C THR A 436 4.11 -3.31 34.53
N GLN A 437 4.60 -4.50 34.86
CA GLN A 437 4.70 -5.60 33.90
C GLN A 437 3.33 -6.22 33.64
N ILE A 438 2.60 -5.67 32.67
CA ILE A 438 1.26 -6.15 32.39
C ILE A 438 1.07 -6.35 30.89
N ASN A 439 0.32 -7.38 30.52
CA ASN A 439 0.18 -7.77 29.13
C ASN A 439 -1.13 -7.35 28.46
N SER A 440 -1.01 -7.00 27.18
CA SER A 440 -2.18 -6.83 26.31
C SER A 440 -2.81 -8.19 26.10
N PRO A 441 -4.10 -8.24 25.74
CA PRO A 441 -4.79 -9.52 25.56
C PRO A 441 -4.19 -10.36 24.44
N PHE A 442 -3.18 -9.82 23.79
CA PHE A 442 -2.52 -10.50 22.67
C PHE A 442 -1.37 -11.34 23.21
N GLY A 443 -1.22 -11.34 24.52
CA GLY A 443 -0.11 -11.98 25.21
C GLY A 443 0.24 -13.41 24.81
N TYR A 444 -0.78 -14.25 24.64
CA TYR A 444 -0.56 -15.67 24.38
C TYR A 444 -0.01 -15.97 22.99
N MET A 445 -0.07 -14.99 22.10
CA MET A 445 0.35 -15.23 20.73
C MET A 445 1.82 -14.94 20.52
N HIS A 446 2.64 -15.95 20.82
CA HIS A 446 4.09 -15.91 20.76
C HIS A 446 4.59 -15.88 19.33
N GLY A 447 3.93 -16.67 18.48
CA GLY A 447 4.34 -16.80 17.09
C GLY A 447 3.71 -15.78 16.18
N LEU A 448 3.03 -14.80 16.75
CA LEU A 448 2.39 -13.74 15.98
C LEU A 448 3.41 -12.95 15.17
N LEU A 449 3.02 -12.53 13.97
CA LEU A 449 3.94 -11.87 13.04
C LEU A 449 3.56 -10.42 12.79
N THR A 450 2.26 -10.16 12.71
CA THR A 450 1.76 -8.83 12.39
C THR A 450 0.75 -8.31 13.40
N LEU A 451 1.06 -7.16 13.98
CA LEU A 451 0.13 -6.44 14.83
C LEU A 451 -0.09 -5.06 14.23
N ASN A 452 -1.35 -4.66 14.07
CA ASN A 452 -1.65 -3.40 13.41
C ASN A 452 -2.67 -2.57 14.15
N LEU A 453 -2.20 -1.78 15.11
CA LEU A 453 -3.07 -0.97 15.94
C LEU A 453 -3.05 0.50 15.53
N ARG A 454 -2.73 0.74 14.26
CA ARG A 454 -2.74 2.08 13.69
C ARG A 454 -4.07 2.78 13.95
N ASN A 455 -4.03 4.09 14.15
CA ASN A 455 -5.25 4.90 14.33
C ASN A 455 -6.10 4.46 15.52
N ASN A 456 -5.45 3.88 16.54
CA ASN A 456 -6.12 3.63 17.80
C ASN A 456 -5.70 4.64 18.88
N SER A 457 -5.87 4.24 20.14
CA SER A 457 -5.55 5.07 21.30
C SER A 457 -4.66 4.34 22.33
N ILE A 458 -3.68 3.59 21.83
CA ILE A 458 -2.74 2.91 22.72
C ILE A 458 -1.96 4.03 23.37
N ILE A 459 -1.63 3.89 24.65
CA ILE A 459 -0.85 4.89 25.39
C ILE A 459 0.41 4.32 26.06
N PHE A 460 0.90 3.20 25.54
CA PHE A 460 1.99 2.45 26.18
C PHE A 460 2.43 1.27 25.33
N VAL A 461 3.74 1.05 25.21
CA VAL A 461 4.25 -0.15 24.54
C VAL A 461 4.20 -1.33 25.49
N TYR A 462 3.19 -2.19 25.34
CA TYR A 462 2.95 -3.25 26.34
C TYR A 462 4.05 -4.30 26.44
N ASN A 463 4.11 -4.94 27.60
CA ASN A 463 5.14 -5.92 27.91
C ASN A 463 5.22 -7.05 26.90
N ASP A 464 4.07 -7.59 26.54
CA ASP A 464 4.00 -8.78 25.70
C ASP A 464 4.58 -8.63 24.29
N TRP A 465 4.59 -7.41 23.76
CA TRP A 465 5.01 -7.19 22.37
C TRP A 465 6.53 -7.11 22.25
N LYS A 466 7.22 -7.06 23.38
CA LYS A 466 8.67 -6.95 23.37
C LYS A 466 9.31 -8.28 23.72
N ASN A 467 8.74 -8.97 24.68
CA ASN A 467 9.38 -10.15 25.26
C ASN A 467 8.68 -11.47 24.98
N THR A 468 7.37 -11.45 24.75
CA THR A 468 6.63 -12.67 24.46
C THR A 468 6.47 -12.94 22.96
N MET A 469 6.42 -11.88 22.16
CA MET A 469 6.32 -12.01 20.72
C MET A 469 7.69 -11.82 20.08
N LEU A 470 8.43 -12.92 19.96
CA LEU A 470 9.79 -12.85 19.47
C LEU A 470 9.83 -12.95 17.95
N GLN A 471 8.75 -13.47 17.37
CA GLN A 471 8.69 -13.67 15.93
C GLN A 471 8.19 -12.43 15.20
N LEU A 472 7.68 -11.47 15.95
CA LEU A 472 7.08 -10.24 15.42
C LEU A 472 7.93 -9.54 14.36
N ARG A 473 7.33 -9.36 13.19
CA ARG A 473 8.03 -8.76 12.06
C ARG A 473 7.45 -7.39 11.77
N GLU A 474 6.15 -7.25 12.01
CA GLU A 474 5.45 -6.05 11.63
C GLU A 474 4.63 -5.49 12.79
N LEU A 475 5.02 -4.32 13.27
CA LEU A 475 4.30 -3.68 14.36
C LEU A 475 3.94 -2.24 14.01
N ASP A 476 2.65 -1.93 14.07
CA ASP A 476 2.17 -0.64 13.63
C ASP A 476 1.41 0.07 14.74
N LEU A 477 2.10 0.98 15.41
CA LEU A 477 1.51 1.76 16.49
C LEU A 477 1.39 3.21 16.09
N SER A 478 1.49 3.48 14.79
CA SER A 478 1.35 4.84 14.30
C SER A 478 -0.05 5.37 14.61
N TYR A 479 -0.15 6.68 14.81
CA TYR A 479 -1.43 7.36 15.01
C TYR A 479 -2.14 6.91 16.28
N ASN A 480 -1.37 6.63 17.31
CA ASN A 480 -1.96 6.39 18.61
C ASN A 480 -1.80 7.58 19.56
N ASN A 481 -1.68 7.28 20.84
CA ASN A 481 -1.60 8.30 21.86
C ASN A 481 -0.55 7.96 22.91
N ILE A 482 0.65 7.65 22.43
CA ILE A 482 1.81 7.45 23.28
C ILE A 482 2.49 8.81 23.39
N SER A 483 2.70 9.24 24.63
CA SER A 483 3.15 10.59 24.90
C SER A 483 4.64 10.70 25.20
N SER A 484 5.23 9.60 25.65
CA SER A 484 6.63 9.61 26.05
C SER A 484 7.26 8.23 25.92
N LEU A 485 8.53 8.20 25.50
CA LEU A 485 9.28 6.96 25.40
C LEU A 485 10.36 6.90 26.47
N GLY A 486 10.75 5.68 26.82
CA GLY A 486 11.94 5.43 27.64
C GLY A 486 12.76 4.38 26.92
N TYR A 487 14.02 4.21 27.30
CA TYR A 487 14.89 3.25 26.60
C TYR A 487 14.38 1.81 26.71
N GLU A 488 13.38 1.59 27.57
CA GLU A 488 12.76 0.28 27.73
C GLU A 488 11.61 0.11 26.75
N ASP A 489 11.18 1.23 26.18
CA ASP A 489 10.14 1.23 25.15
C ASP A 489 10.74 0.92 23.78
N LEU A 490 12.03 0.60 23.76
CA LEU A 490 12.71 0.25 22.53
C LEU A 490 13.47 -1.08 22.67
N ALA A 491 12.99 -1.93 23.56
CA ALA A 491 13.66 -3.19 23.88
C ALA A 491 12.92 -4.40 23.31
N PHE A 492 12.93 -4.55 21.98
CA PHE A 492 12.19 -5.64 21.36
C PHE A 492 13.04 -6.90 21.11
N LEU A 493 12.69 -7.96 21.81
CA LEU A 493 13.38 -9.25 21.68
C LEU A 493 12.94 -10.03 20.44
N SER A 494 13.07 -9.42 19.27
CA SER A 494 12.69 -10.09 18.04
C SER A 494 13.87 -10.25 17.08
N GLN A 495 14.29 -11.50 16.89
CA GLN A 495 15.36 -11.82 15.95
C GLN A 495 14.81 -11.98 14.54
N ASN A 496 13.80 -11.19 14.21
CA ASN A 496 13.06 -11.37 12.98
C ASN A 496 12.66 -10.03 12.35
N ARG A 497 13.63 -9.35 11.76
CA ARG A 497 13.45 -8.08 11.04
C ARG A 497 12.22 -7.27 11.42
N LEU A 498 12.10 -6.95 12.71
CA LEU A 498 10.96 -6.19 13.20
C LEU A 498 11.03 -4.72 12.78
N HIS A 499 9.93 -4.22 12.22
CA HIS A 499 9.82 -2.81 11.86
C HIS A 499 8.62 -2.16 12.56
N VAL A 500 8.90 -1.48 13.66
CA VAL A 500 7.87 -0.80 14.43
C VAL A 500 7.60 0.60 13.90
N ASN A 501 6.33 0.94 13.73
CA ASN A 501 5.95 2.27 13.26
C ASN A 501 5.32 3.06 14.39
N MET A 502 5.96 4.16 14.78
CA MET A 502 5.45 5.02 15.84
C MET A 502 5.23 6.44 15.36
N THR A 503 4.90 6.60 14.07
CA THR A 503 4.65 7.91 13.48
C THR A 503 3.35 8.55 13.96
N HIS A 504 3.32 9.88 13.91
CA HIS A 504 2.13 10.68 14.22
C HIS A 504 1.45 10.37 15.56
N ASN A 505 2.22 10.23 16.62
CA ASN A 505 1.62 10.07 17.94
C ASN A 505 1.62 11.37 18.73
N LYS A 506 1.80 11.24 20.03
CA LYS A 506 1.82 12.38 20.91
C LYS A 506 3.12 12.38 21.69
N ILE A 507 4.16 11.78 21.12
CA ILE A 507 5.45 11.71 21.79
C ILE A 507 6.08 13.09 21.89
N ARG A 508 5.99 13.68 23.08
CA ARG A 508 6.46 15.05 23.29
C ARG A 508 7.86 15.07 23.90
N ARG A 509 8.31 13.91 24.34
CA ARG A 509 9.66 13.79 24.89
C ARG A 509 10.20 12.36 24.73
N ILE A 510 11.52 12.24 24.66
CA ILE A 510 12.17 10.93 24.61
C ILE A 510 13.32 10.84 25.63
N ALA A 511 13.03 10.30 26.80
CA ALA A 511 14.01 10.25 27.89
C ALA A 511 15.04 9.17 27.67
N LEU A 512 16.17 9.56 27.08
CA LEU A 512 17.29 8.66 26.88
C LEU A 512 18.43 9.02 27.81
N PRO A 513 19.01 8.01 28.48
CA PRO A 513 20.13 8.21 29.41
C PRO A 513 21.49 7.83 28.82
N GLU A 514 22.56 8.33 29.43
CA GLU A 514 23.91 7.87 29.14
C GLU A 514 24.11 6.56 29.90
N ASP A 515 24.43 5.49 29.19
CA ASP A 515 24.43 4.17 29.81
C ASP A 515 25.63 3.27 29.49
N VAL A 516 25.65 2.11 30.13
CA VAL A 516 26.68 1.10 29.92
C VAL A 516 26.04 -0.24 29.66
N LEU A 526 18.14 -6.40 16.58
CA LEU A 526 17.87 -5.57 15.40
C LEU A 526 16.39 -5.27 15.21
N VAL A 527 16.00 -4.03 15.46
CA VAL A 527 14.62 -3.58 15.32
C VAL A 527 14.57 -2.15 14.77
N HIS A 528 13.77 -1.91 13.75
CA HIS A 528 13.63 -0.56 13.21
C HIS A 528 12.44 0.17 13.83
N VAL A 529 12.64 1.42 14.23
CA VAL A 529 11.57 2.19 14.85
C VAL A 529 11.40 3.58 14.25
N ASP A 530 10.32 3.77 13.49
CA ASP A 530 10.05 5.06 12.86
C ASP A 530 9.46 6.00 13.90
N LEU A 531 10.02 7.20 14.01
CA LEU A 531 9.59 8.18 15.00
C LEU A 531 9.22 9.52 14.39
N ASN A 532 8.99 9.52 13.08
CA ASN A 532 8.69 10.77 12.38
C ASN A 532 7.35 11.39 12.79
N ASP A 533 7.26 12.71 12.61
CA ASP A 533 6.03 13.46 12.91
C ASP A 533 5.60 13.34 14.37
N ASN A 534 6.31 14.02 15.25
CA ASN A 534 5.98 13.98 16.66
C ASN A 534 6.12 15.33 17.36
N PRO A 535 5.28 15.57 18.38
CA PRO A 535 5.21 16.83 19.11
C PRO A 535 6.37 17.03 20.08
N LEU A 536 7.54 16.55 19.73
CA LEU A 536 8.71 16.60 20.61
C LEU A 536 9.05 18.02 21.03
N VAL A 537 9.18 18.23 22.35
CA VAL A 537 9.72 19.47 22.87
C VAL A 537 11.24 19.32 22.95
N CYS A 538 11.96 20.38 22.60
CA CYS A 538 13.42 20.29 22.55
C CYS A 538 14.11 21.01 23.70
N ASP A 539 13.74 20.65 24.92
CA ASP A 539 14.40 21.16 26.11
C ASP A 539 15.48 20.18 26.54
N CYS A 540 16.09 20.45 27.68
CA CYS A 540 17.25 19.68 28.14
C CYS A 540 16.91 18.23 28.49
N THR A 541 15.62 17.90 28.48
CA THR A 541 15.20 16.56 28.89
C THR A 541 15.54 15.49 27.85
N ILE A 542 15.64 15.90 26.59
CA ILE A 542 15.88 14.96 25.51
C ILE A 542 17.32 15.03 25.01
N LEU A 543 18.22 15.45 25.91
CA LEU A 543 19.62 15.64 25.57
C LEU A 543 20.28 14.45 24.88
N TRP A 544 20.33 13.32 25.57
CA TRP A 544 21.04 12.14 25.06
C TRP A 544 20.44 11.58 23.79
N PHE A 545 19.16 11.83 23.56
CA PHE A 545 18.53 11.40 22.33
C PHE A 545 19.17 12.06 21.12
N ILE A 546 19.37 13.37 21.19
CA ILE A 546 19.93 14.11 20.05
C ILE A 546 21.38 13.71 19.76
N GLN A 547 22.14 13.46 20.82
CA GLN A 547 23.50 13.00 20.64
C GLN A 547 23.46 11.63 19.96
N LEU A 548 22.54 10.79 20.40
CA LEU A 548 22.36 9.47 19.81
C LEU A 548 21.94 9.54 18.35
N VAL A 549 21.08 10.50 18.04
CA VAL A 549 20.64 10.73 16.66
C VAL A 549 21.84 10.95 15.74
N ARG A 550 22.80 11.75 16.19
CA ARG A 550 24.05 11.92 15.47
C ARG A 550 24.99 10.81 15.91
N GLY A 551 26.21 10.81 15.38
CA GLY A 551 27.16 9.76 15.71
C GLY A 551 27.58 9.78 17.16
N VAL A 552 27.37 10.94 17.80
CA VAL A 552 27.86 11.25 19.13
C VAL A 552 27.68 10.16 20.17
N HIS A 553 26.42 9.92 20.57
CA HIS A 553 26.13 8.97 21.64
C HIS A 553 25.73 7.60 21.09
N LYS A 554 26.33 6.54 21.64
CA LYS A 554 26.03 5.17 21.24
C LYS A 554 26.12 4.21 22.43
N PRO A 555 25.23 4.36 23.42
CA PRO A 555 25.31 3.68 24.72
C PRO A 555 24.86 2.22 24.75
N GLN A 556 25.62 1.33 24.12
CA GLN A 556 25.34 -0.11 24.11
C GLN A 556 24.06 -0.50 23.34
N TYR A 557 22.90 -0.31 23.98
CA TYR A 557 21.63 -0.70 23.38
C TYR A 557 21.39 -0.05 22.01
N SER A 558 22.03 1.10 21.81
CA SER A 558 21.88 1.89 20.58
C SER A 558 22.00 1.10 19.29
N ARG A 559 22.93 0.14 19.25
CA ARG A 559 23.23 -0.58 18.02
C ARG A 559 22.22 -1.69 17.76
N GLN A 560 21.47 -2.06 18.79
CA GLN A 560 20.48 -3.14 18.67
C GLN A 560 19.12 -2.68 18.14
N PHE A 561 18.95 -1.37 18.02
CA PHE A 561 17.82 -0.81 17.29
C PHE A 561 18.27 0.26 16.30
N LYS A 562 17.48 0.47 15.24
CA LYS A 562 17.82 1.46 14.23
C LYS A 562 16.68 2.46 14.04
N LEU A 563 16.85 3.63 14.65
CA LEU A 563 15.81 4.66 14.65
C LEU A 563 15.71 5.39 13.32
N ARG A 564 14.49 5.50 12.79
CA ARG A 564 14.22 6.41 11.69
C ARG A 564 13.67 7.69 12.28
N THR A 565 14.36 8.81 12.05
CA THR A 565 14.01 10.05 12.71
C THR A 565 14.05 11.24 11.75
N ASP A 566 14.20 10.95 10.46
CA ASP A 566 14.41 11.98 9.44
C ASP A 566 13.33 13.08 9.42
N ARG A 567 12.11 12.73 9.83
CA ARG A 567 11.04 13.71 9.90
C ARG A 567 10.51 13.90 11.32
N LEU A 568 11.41 13.89 12.30
CA LEU A 568 11.08 14.25 13.66
C LEU A 568 11.45 15.72 13.87
N VAL A 569 10.48 16.55 14.23
CA VAL A 569 10.70 17.99 14.29
C VAL A 569 10.25 18.58 15.63
N CYS A 570 11.05 19.50 16.16
CA CYS A 570 10.73 20.18 17.42
C CYS A 570 9.51 21.09 17.29
N SER A 571 8.56 20.91 18.21
CA SER A 571 7.38 21.75 18.24
C SER A 571 7.64 22.99 19.09
N GLN A 572 8.33 22.79 20.20
CA GLN A 572 8.70 23.88 21.08
C GLN A 572 10.13 23.64 21.59
N PRO A 573 10.86 24.73 21.88
CA PRO A 573 10.43 26.14 21.80
C PRO A 573 10.50 26.75 20.39
N ASN A 574 10.01 27.98 20.29
CA ASN A 574 9.87 28.69 19.02
C ASN A 574 11.19 28.98 18.33
N VAL A 575 12.29 28.83 19.07
CA VAL A 575 13.61 29.05 18.51
C VAL A 575 14.03 27.85 17.66
N LEU A 576 13.98 26.67 18.26
CA LEU A 576 14.38 25.43 17.59
C LEU A 576 13.26 24.88 16.71
N GLU A 577 12.06 25.42 16.90
CA GLU A 577 10.88 24.92 16.20
C GLU A 577 11.07 24.84 14.70
N GLY A 578 10.52 23.78 14.10
CA GLY A 578 10.55 23.62 12.67
C GLY A 578 11.81 22.94 12.16
N THR A 579 12.69 22.56 13.09
CA THR A 579 13.98 22.03 12.72
C THR A 579 14.18 20.59 13.19
N PRO A 580 14.70 19.74 12.29
CA PRO A 580 14.98 18.31 12.51
C PRO A 580 15.96 18.04 13.66
N VAL A 581 16.08 16.77 14.02
CA VAL A 581 16.77 16.36 15.24
C VAL A 581 18.28 16.20 15.05
N ARG A 582 18.70 15.86 13.83
CA ARG A 582 20.13 15.70 13.54
C ARG A 582 20.81 17.06 13.43
N GLN A 583 20.03 18.09 13.11
CA GLN A 583 20.56 19.44 12.89
C GLN A 583 20.96 20.16 14.16
N ILE A 584 20.13 20.06 15.19
CA ILE A 584 20.34 20.85 16.40
C ILE A 584 21.59 20.45 17.16
N GLU A 585 22.05 21.35 18.03
CA GLU A 585 23.22 21.11 18.88
C GLU A 585 22.84 21.22 20.35
N PRO A 586 23.23 20.21 21.15
CA PRO A 586 22.79 19.97 22.52
C PRO A 586 22.86 21.15 23.52
N GLN A 587 23.50 22.24 23.14
CA GLN A 587 23.59 23.40 24.04
C GLN A 587 22.35 24.28 23.92
N THR A 588 21.54 24.02 22.90
CA THR A 588 20.30 24.75 22.73
C THR A 588 19.25 24.10 23.63
N LEU A 589 19.46 22.82 23.90
CA LEU A 589 18.55 22.06 24.74
C LEU A 589 18.64 22.55 26.17
N ILE A 590 17.86 23.57 26.49
CA ILE A 590 17.83 24.16 27.82
C ILE A 590 16.44 24.05 28.42
N CYS A 591 16.38 23.96 29.74
CA CYS A 591 15.10 23.85 30.45
C CYS A 591 14.93 25.02 31.42
N PRO A 592 14.05 25.98 31.06
CA PRO A 592 13.85 27.23 31.81
C PRO A 592 13.66 27.01 33.31
N LEU A 593 14.46 27.73 34.10
CA LEU A 593 14.28 27.78 35.54
C LEU A 593 13.33 28.92 35.87
N ASP A 594 12.22 28.59 36.55
CA ASP A 594 11.21 29.58 36.88
C ASP A 594 11.74 30.64 37.84
N LYS A 603 14.77 29.98 43.21
CA LYS A 603 14.26 30.31 41.89
C LYS A 603 14.99 31.51 41.30
N CYS A 604 14.74 31.80 40.03
CA CYS A 604 15.43 32.87 39.31
C CYS A 604 14.98 34.28 39.70
N PRO A 605 15.93 35.23 39.72
CA PRO A 605 15.68 36.63 40.10
C PRO A 605 14.79 37.39 39.12
N ARG A 606 14.13 38.45 39.61
CA ARG A 606 13.27 39.26 38.77
C ARG A 606 14.10 40.03 37.76
N GLY A 607 13.58 40.17 36.54
CA GLY A 607 14.28 40.88 35.49
C GLY A 607 15.30 40.01 34.77
N CYS A 608 15.52 38.81 35.31
CA CYS A 608 16.51 37.88 34.76
C CYS A 608 15.85 36.61 34.23
N ASN A 609 15.96 36.39 32.92
CA ASN A 609 15.54 35.12 32.35
C ASN A 609 16.63 34.07 32.57
N CYS A 610 16.23 32.86 32.89
CA CYS A 610 17.21 31.83 33.23
C CYS A 610 16.87 30.52 32.54
N HIS A 611 17.85 29.61 32.50
CA HIS A 611 17.66 28.30 31.88
C HIS A 611 18.81 27.37 32.24
N VAL A 612 18.60 26.08 32.02
CA VAL A 612 19.63 25.08 32.31
C VAL A 612 19.82 24.12 31.14
N ARG A 613 21.02 24.08 30.58
CA ARG A 613 21.34 23.11 29.55
C ARG A 613 22.07 21.93 30.18
N THR A 614 21.56 20.73 29.94
CA THR A 614 22.13 19.53 30.51
C THR A 614 23.28 19.02 29.66
N TYR A 615 23.59 19.76 28.59
CA TYR A 615 24.73 19.39 27.76
C TYR A 615 26.04 19.53 28.53
N ASP A 616 26.08 20.47 29.47
CA ASP A 616 27.28 20.72 30.25
C ASP A 616 26.98 20.99 31.73
N LYS A 617 25.75 20.68 32.14
CA LYS A 617 25.29 20.90 33.51
C LYS A 617 25.49 22.35 33.95
N ALA A 618 25.23 23.28 33.03
CA ALA A 618 25.53 24.69 33.26
C ALA A 618 24.29 25.52 33.60
N LEU A 619 24.27 26.07 34.81
CA LEU A 619 23.19 26.96 35.21
C LEU A 619 23.47 28.38 34.73
N VAL A 620 22.70 28.81 33.74
CA VAL A 620 22.87 30.12 33.12
C VAL A 620 21.88 31.14 33.66
N ILE A 621 22.35 32.35 33.94
CA ILE A 621 21.49 33.39 34.48
C ILE A 621 21.68 34.70 33.73
N ASN A 622 20.73 35.04 32.86
CA ASN A 622 20.85 36.25 32.03
C ASN A 622 20.09 37.45 32.60
N CYS A 623 20.83 38.38 33.19
CA CYS A 623 20.24 39.60 33.75
C CYS A 623 20.64 40.81 32.91
N HIS A 624 20.26 40.78 31.63
CA HIS A 624 20.67 41.81 30.68
C HIS A 624 19.61 42.90 30.55
N SER A 625 19.08 43.32 31.69
CA SER A 625 18.09 44.38 31.75
C SER A 625 18.76 45.74 31.61
N GLY A 626 19.90 45.91 32.29
CA GLY A 626 20.68 47.12 32.22
C GLY A 626 20.40 48.10 33.34
N ASN A 627 19.97 47.57 34.49
CA ASN A 627 19.55 48.44 35.59
C ASN A 627 19.88 47.94 37.00
N LEU A 628 20.97 47.19 37.14
CA LEU A 628 21.35 46.62 38.43
C LEU A 628 22.63 47.22 38.98
N THR A 629 22.63 47.61 40.25
CA THR A 629 23.84 48.12 40.89
C THR A 629 24.44 47.05 41.80
N HIS A 630 23.57 46.17 42.30
CA HIS A 630 24.01 45.04 43.08
C HIS A 630 23.80 43.75 42.29
N VAL A 631 24.53 42.71 42.67
CA VAL A 631 24.27 41.39 42.12
C VAL A 631 23.06 40.80 42.84
N PRO A 632 21.99 40.53 42.08
CA PRO A 632 20.71 40.06 42.61
C PRO A 632 20.86 38.72 43.29
N ARG A 633 19.91 38.36 44.16
CA ARG A 633 19.98 37.11 44.90
C ARG A 633 19.96 35.91 43.96
N LEU A 634 20.98 35.07 44.06
CA LEU A 634 21.15 33.95 43.15
C LEU A 634 20.73 32.61 43.76
N PRO A 635 19.95 31.83 43.00
CA PRO A 635 19.54 30.49 43.41
C PRO A 635 20.73 29.56 43.50
N ASN A 636 20.76 28.71 44.54
CA ASN A 636 21.90 27.82 44.75
C ASN A 636 22.11 26.83 43.61
N LEU A 637 23.33 26.29 43.53
CA LEU A 637 23.67 25.32 42.50
C LEU A 637 23.49 23.91 43.04
N HIS A 638 22.77 23.07 42.30
CA HIS A 638 22.54 21.68 42.67
C HIS A 638 23.87 20.94 42.81
N LYS A 639 23.92 19.95 43.71
CA LYS A 639 25.12 19.15 43.90
C LYS A 639 25.35 18.18 42.73
N ASN A 640 24.59 18.39 41.65
CA ASN A 640 24.77 17.65 40.40
C ASN A 640 25.36 18.56 39.34
N MET A 641 25.03 19.86 39.41
CA MET A 641 25.49 20.83 38.44
C MET A 641 26.98 21.11 38.59
N GLN A 642 27.58 21.67 37.54
CA GLN A 642 29.02 21.91 37.51
C GLN A 642 29.41 23.31 37.05
N LEU A 643 28.50 23.95 36.32
CA LEU A 643 28.78 25.28 35.80
C LEU A 643 27.67 26.24 36.19
N MET A 644 28.05 27.46 36.56
CA MET A 644 27.08 28.49 36.89
C MET A 644 27.49 29.79 36.22
N GLU A 645 26.73 30.22 35.22
CA GLU A 645 27.15 31.38 34.43
C GLU A 645 26.39 32.66 34.74
N LEU A 646 26.88 33.40 35.73
CA LEU A 646 26.29 34.68 36.08
C LEU A 646 26.54 35.73 34.99
N HIS A 647 25.57 35.90 34.11
CA HIS A 647 25.69 36.87 33.01
C HIS A 647 25.07 38.20 33.37
N LEU A 648 25.91 39.18 33.71
CA LEU A 648 25.44 40.50 34.11
C LEU A 648 25.88 41.60 33.14
N GLU A 649 25.93 41.26 31.86
CA GLU A 649 26.45 42.16 30.83
C GLU A 649 25.66 43.45 30.69
N ASN A 650 26.36 44.51 30.29
CA ASN A 650 25.76 45.81 30.02
C ASN A 650 24.78 46.33 31.08
N ASN A 651 25.23 46.31 32.33
CA ASN A 651 24.46 46.91 33.42
C ASN A 651 25.22 48.10 33.98
N THR A 652 24.92 48.42 35.23
CA THR A 652 25.62 49.47 35.96
C THR A 652 25.83 49.02 37.40
N LEU A 653 26.51 47.88 37.57
CA LEU A 653 26.83 47.38 38.90
C LEU A 653 27.71 48.38 39.62
N LEU A 654 28.02 48.12 40.88
CA LEU A 654 28.93 48.99 41.62
C LEU A 654 30.00 48.19 42.31
N ARG A 655 29.57 47.31 43.21
CA ARG A 655 30.50 46.45 43.91
C ARG A 655 30.05 45.00 43.76
N LEU A 656 30.97 44.08 43.98
CA LEU A 656 30.63 42.67 43.96
C LEU A 656 30.45 42.14 45.38
N PRO A 657 29.52 41.19 45.54
CA PRO A 657 29.32 40.54 46.84
C PRO A 657 30.50 39.65 47.23
N SER A 658 30.49 39.14 48.45
CA SER A 658 31.61 38.33 48.93
C SER A 658 31.64 36.97 48.25
N ALA A 659 32.68 36.19 48.54
CA ALA A 659 32.80 34.85 47.99
C ALA A 659 31.87 33.89 48.73
N ASN A 660 31.43 34.31 49.92
CA ASN A 660 30.60 33.47 50.77
C ASN A 660 29.11 33.70 50.55
N THR A 661 28.77 34.58 49.61
CA THR A 661 27.38 34.79 49.24
C THR A 661 26.82 33.52 48.62
N PRO A 662 25.81 32.93 49.27
CA PRO A 662 25.20 31.67 48.82
C PRO A 662 24.57 31.83 47.43
N GLY A 663 24.61 30.76 46.65
CA GLY A 663 24.21 30.83 45.25
C GLY A 663 25.38 31.39 44.45
N TYR A 664 25.72 32.64 44.73
CA TYR A 664 26.86 33.32 44.13
C TYR A 664 28.17 32.54 44.35
N GLU A 665 28.28 31.89 45.51
CA GLU A 665 29.52 31.18 45.89
C GLU A 665 29.86 29.98 45.01
N SER A 666 28.90 29.55 44.18
CA SER A 666 29.08 28.36 43.36
C SER A 666 29.31 28.71 41.89
N VAL A 667 29.41 30.00 41.61
CA VAL A 667 29.62 30.51 40.25
C VAL A 667 30.96 30.06 39.66
N THR A 668 30.93 29.63 38.40
CA THR A 668 32.15 29.33 37.67
C THR A 668 32.48 30.44 36.68
N SER A 669 31.45 31.09 36.17
CA SER A 669 31.66 32.10 35.13
C SER A 669 30.99 33.44 35.47
N LEU A 670 31.72 34.53 35.24
CA LEU A 670 31.31 35.84 35.71
C LEU A 670 31.41 36.89 34.61
N HIS A 671 30.32 37.08 33.87
CA HIS A 671 30.33 37.92 32.67
C HIS A 671 29.80 39.31 32.92
N LEU A 672 30.66 40.19 33.42
CA LEU A 672 30.23 41.48 33.94
C LEU A 672 30.53 42.64 33.00
N ALA A 673 30.89 42.32 31.76
CA ALA A 673 31.25 43.35 30.78
C ALA A 673 30.23 44.47 30.68
N GLY A 674 30.70 45.68 30.39
CA GLY A 674 29.84 46.83 30.25
C GLY A 674 29.19 47.25 31.57
N ASN A 675 29.97 47.25 32.64
CA ASN A 675 29.46 47.64 33.95
C ASN A 675 30.26 48.73 34.63
N ASN A 676 29.94 48.99 35.89
CA ASN A 676 30.67 49.97 36.70
C ASN A 676 31.31 49.30 37.92
N LEU A 677 32.44 48.63 37.72
CA LEU A 677 33.21 48.15 38.85
C LEU A 677 34.50 48.96 38.93
N THR A 678 34.83 49.46 40.12
CA THR A 678 35.98 50.36 40.26
C THR A 678 37.14 49.71 41.02
N SER A 679 36.83 48.64 41.75
CA SER A 679 37.86 47.90 42.46
C SER A 679 37.35 46.50 42.78
N ILE A 680 38.22 45.51 42.58
CA ILE A 680 37.84 44.12 42.78
C ILE A 680 38.70 43.47 43.86
N ASP A 681 38.09 43.13 44.98
CA ASP A 681 38.81 42.45 46.05
C ASP A 681 38.89 40.96 45.72
N VAL A 682 39.95 40.31 46.20
CA VAL A 682 40.15 38.88 45.94
C VAL A 682 39.14 38.02 46.70
N ASP A 683 38.35 38.66 47.56
CA ASP A 683 37.32 37.96 48.32
C ASP A 683 35.97 38.16 47.67
N GLN A 684 35.88 39.10 46.74
CA GLN A 684 34.64 39.31 45.99
C GLN A 684 34.51 38.30 44.85
N LEU A 685 35.50 37.41 44.74
CA LEU A 685 35.54 36.44 43.65
C LEU A 685 35.24 35.04 44.18
N PRO A 686 34.42 34.26 43.43
CA PRO A 686 33.96 32.92 43.78
C PRO A 686 35.07 31.86 43.74
N THR A 687 34.97 30.86 44.61
CA THR A 687 35.95 29.79 44.70
C THR A 687 36.00 28.96 43.41
N ASN A 688 34.83 28.62 42.90
CA ASN A 688 34.73 27.79 41.71
C ASN A 688 34.90 28.55 40.39
N LEU A 689 35.40 29.79 40.48
CA LEU A 689 35.48 30.64 39.29
C LEU A 689 36.48 30.10 38.27
N THR A 690 36.15 30.29 36.99
CA THR A 690 37.00 29.84 35.89
C THR A 690 37.07 30.86 34.78
N HIS A 691 36.10 31.77 34.76
CA HIS A 691 36.09 32.85 33.78
C HIS A 691 35.83 34.13 34.53
N LEU A 692 36.24 35.25 33.95
CA LEU A 692 36.11 36.52 34.62
C LEU A 692 36.18 37.64 33.61
N ASP A 693 35.06 37.92 32.96
CA ASP A 693 35.03 38.99 31.97
C ASP A 693 34.68 40.31 32.63
N ILE A 694 35.69 41.04 33.06
CA ILE A 694 35.51 42.37 33.62
C ILE A 694 35.90 43.42 32.60
N SER A 695 35.67 43.15 31.33
CA SER A 695 35.93 44.14 30.30
C SER A 695 34.98 45.32 30.48
N TRP A 696 35.41 46.49 30.00
CA TRP A 696 34.58 47.69 30.01
C TRP A 696 33.97 48.03 31.37
N ASN A 697 34.85 48.31 32.33
CA ASN A 697 34.45 48.77 33.66
C ASN A 697 35.19 50.04 34.09
N HIS A 698 35.17 50.33 35.38
CA HIS A 698 35.78 51.54 35.91
C HIS A 698 37.10 51.24 36.59
N LEU A 699 37.54 49.99 36.52
CA LEU A 699 38.76 49.56 37.20
C LEU A 699 39.96 50.34 36.69
N GLN A 700 40.76 50.86 37.61
CA GLN A 700 41.99 51.57 37.23
C GLN A 700 43.19 50.73 37.63
N MET A 701 43.02 49.90 38.65
CA MET A 701 44.11 49.11 39.20
C MET A 701 43.60 47.77 39.71
N LEU A 702 44.44 46.74 39.57
CA LEU A 702 44.15 45.43 40.12
C LEU A 702 45.27 45.00 41.06
N ASN A 703 44.93 44.72 42.32
CA ASN A 703 45.92 44.31 43.30
C ASN A 703 46.62 43.01 42.92
N ALA A 704 47.79 42.78 43.48
CA ALA A 704 48.61 41.62 43.14
C ALA A 704 48.02 40.30 43.65
N THR A 705 47.06 40.40 44.57
CA THR A 705 46.45 39.20 45.13
C THR A 705 45.45 38.61 44.14
N VAL A 706 44.80 39.49 43.37
CA VAL A 706 43.90 39.10 42.31
C VAL A 706 44.64 38.30 41.23
N LEU A 707 45.85 38.74 40.89
CA LEU A 707 46.62 38.10 39.82
C LEU A 707 47.07 36.68 40.19
N GLY A 708 47.30 36.44 41.46
CA GLY A 708 47.66 35.11 41.90
C GLY A 708 46.46 34.18 41.82
N PHE A 709 45.29 34.75 42.08
CA PHE A 709 44.04 34.00 42.02
C PHE A 709 43.76 33.55 40.59
N LEU A 710 44.09 34.42 39.64
CA LEU A 710 43.84 34.13 38.24
C LEU A 710 44.82 33.11 37.67
N ASN A 711 45.56 32.44 38.55
CA ASN A 711 46.47 31.38 38.11
C ASN A 711 45.76 30.04 37.99
N TRP A 716 43.19 26.79 35.36
CA TRP A 716 43.02 27.74 34.27
C TRP A 716 41.98 28.80 34.58
N ARG A 717 42.23 30.02 34.14
CA ARG A 717 41.24 31.10 34.23
C ARG A 717 41.30 31.98 32.98
N SER A 718 40.30 31.91 32.12
CA SER A 718 40.21 32.86 31.01
C SER A 718 39.77 34.20 31.59
N VAL A 719 40.43 35.28 31.18
CA VAL A 719 40.17 36.61 31.71
C VAL A 719 40.01 37.65 30.61
N LYS A 720 39.14 38.63 30.82
CA LYS A 720 38.99 39.76 29.91
C LYS A 720 39.25 41.05 30.67
N LEU A 721 40.03 41.97 30.08
CA LEU A 721 40.49 43.14 30.81
C LEU A 721 40.46 44.47 30.05
N SER A 722 40.18 44.44 28.75
CA SER A 722 40.27 45.65 27.95
C SER A 722 39.17 46.64 28.33
N GLY A 723 39.26 47.85 27.76
CA GLY A 723 38.23 48.85 27.93
C GLY A 723 38.13 49.43 29.33
N ASN A 724 39.20 49.33 30.10
CA ASN A 724 39.24 49.92 31.43
C ASN A 724 40.27 51.04 31.53
N PRO A 725 39.98 52.05 32.37
CA PRO A 725 40.87 53.20 32.55
C PRO A 725 42.10 52.82 33.36
N TRP A 726 43.01 52.07 32.75
CA TRP A 726 44.17 51.57 33.47
C TRP A 726 45.21 52.65 33.76
N MET A 727 45.35 52.97 35.04
CA MET A 727 46.41 53.86 35.50
C MET A 727 47.70 53.07 35.56
N CYS A 728 48.56 53.28 34.57
CA CYS A 728 49.81 52.54 34.46
C CYS A 728 51.01 53.30 35.05
N ASP A 729 51.34 52.98 36.29
CA ASP A 729 52.50 53.56 36.94
C ASP A 729 53.26 52.43 37.60
N CYS A 730 53.89 52.70 38.74
CA CYS A 730 54.65 51.66 39.43
C CYS A 730 53.78 50.69 40.21
N THR A 731 52.57 51.09 40.54
CA THR A 731 51.67 50.20 41.27
C THR A 731 50.92 49.27 40.33
N ALA A 732 51.01 49.58 39.04
CA ALA A 732 50.40 48.75 38.00
C ALA A 732 51.41 47.72 37.52
N LYS A 733 52.67 47.92 37.89
CA LYS A 733 53.76 47.01 37.51
C LYS A 733 53.48 45.51 37.66
N PRO A 734 52.80 45.09 38.75
CA PRO A 734 52.47 43.67 38.81
C PRO A 734 51.56 43.26 37.65
N LEU A 735 50.53 44.06 37.40
CA LEU A 735 49.57 43.77 36.35
C LEU A 735 50.26 43.74 35.00
N LEU A 736 51.22 44.64 34.82
CA LEU A 736 51.96 44.71 33.56
C LEU A 736 52.82 43.46 33.35
N LEU A 737 53.25 42.83 34.44
CA LEU A 737 53.98 41.59 34.31
C LEU A 737 53.03 40.41 34.11
N PHE A 738 51.82 40.55 34.67
CA PHE A 738 50.80 39.51 34.52
C PHE A 738 50.51 39.30 33.06
N THR A 739 50.05 40.38 32.42
CA THR A 739 49.72 40.35 31.02
C THR A 739 50.89 39.82 30.19
N GLN A 740 52.09 40.31 30.49
CA GLN A 740 53.25 39.97 29.70
C GLN A 740 53.55 38.48 29.63
N ASP A 741 53.06 37.72 30.61
CA ASP A 741 53.32 36.29 30.60
C ASP A 741 52.05 35.46 30.48
N ASN A 742 50.96 35.98 31.02
CA ASN A 742 49.69 35.25 30.94
C ASN A 742 48.91 35.57 29.69
N PHE A 743 49.52 35.32 28.54
CA PHE A 743 48.95 35.64 27.23
C PHE A 743 47.67 34.88 26.91
N GLU A 744 47.69 33.56 27.13
CA GLU A 744 46.55 32.69 26.87
C GLU A 744 45.29 33.15 27.60
N ARG A 745 45.44 33.37 28.89
CA ARG A 745 44.32 33.76 29.76
C ARG A 745 43.61 35.02 29.30
N ILE A 746 44.37 35.99 28.81
CA ILE A 746 43.78 37.28 28.47
C ILE A 746 43.56 37.41 26.98
N GLY A 747 42.30 37.40 26.57
CA GLY A 747 41.94 37.45 25.16
C GLY A 747 42.18 38.80 24.54
N ASP A 748 42.15 39.85 25.36
CA ASP A 748 42.19 41.23 24.84
C ASP A 748 43.41 42.01 25.32
N ARG A 749 44.54 41.32 25.44
CA ARG A 749 45.79 41.92 25.86
C ARG A 749 46.11 43.10 24.95
N ASN A 750 46.17 42.86 23.64
CA ASN A 750 46.48 43.90 22.67
C ASN A 750 45.51 45.07 22.67
N GLU A 751 44.41 44.93 23.41
CA GLU A 751 43.38 45.96 23.47
C GLU A 751 43.40 46.72 24.79
N MET A 752 44.22 46.25 25.73
CA MET A 752 44.32 46.92 27.03
C MET A 752 45.03 48.27 26.90
N MET A 753 44.42 49.31 27.48
CA MET A 753 44.86 50.68 27.28
C MET A 753 45.31 51.38 28.56
N CYS A 754 46.18 52.37 28.40
CA CYS A 754 46.61 53.23 29.50
C CYS A 754 45.95 54.60 29.42
N VAL A 755 45.92 55.32 30.55
CA VAL A 755 45.25 56.61 30.60
C VAL A 755 46.16 57.73 31.12
N ASN A 756 47.41 57.72 30.68
CA ASN A 756 48.39 58.69 31.16
C ASN A 756 48.93 59.61 30.07
N ALA A 757 48.03 60.17 29.26
CA ALA A 757 48.42 61.12 28.21
C ALA A 757 47.27 62.06 27.88
N PRO A 760 46.79 58.20 25.74
CA PRO A 760 46.59 56.76 25.90
C PRO A 760 47.39 55.94 24.90
N THR A 761 48.06 54.90 25.40
CA THR A 761 48.77 53.96 24.55
C THR A 761 48.43 52.54 24.97
N ARG A 762 48.47 51.61 24.03
CA ARG A 762 48.28 50.19 24.34
C ARG A 762 49.24 49.79 25.44
N MET A 763 48.77 48.93 26.34
CA MET A 763 49.61 48.50 27.44
C MET A 763 50.70 47.56 26.94
N VAL A 764 50.45 46.92 25.79
CA VAL A 764 51.43 46.01 25.20
C VAL A 764 52.46 46.80 24.40
N GLU A 765 52.46 48.11 24.59
CA GLU A 765 53.45 49.00 23.99
C GLU A 765 54.30 49.57 25.11
N LEU A 766 54.05 49.07 26.32
CA LEU A 766 54.69 49.59 27.52
C LEU A 766 55.72 48.62 28.08
N SER A 767 56.71 49.17 28.77
CA SER A 767 57.72 48.37 29.47
C SER A 767 57.48 48.50 30.96
N THR A 768 58.22 47.74 31.76
CA THR A 768 58.09 47.81 33.20
C THR A 768 58.99 48.92 33.76
N ASN A 769 59.38 49.86 32.89
CA ASN A 769 60.28 50.94 33.25
C ASN A 769 59.79 52.30 32.77
N ASP A 770 58.92 52.30 31.77
CA ASP A 770 58.23 53.52 31.36
C ASP A 770 57.33 53.94 32.52
N ILE A 771 56.90 52.93 33.28
CA ILE A 771 55.98 53.12 34.38
C ILE A 771 56.73 53.14 35.71
N CYS A 772 57.90 52.52 35.73
CA CYS A 772 58.66 52.38 36.97
C CYS A 772 60.05 52.98 36.90
N PRO A 773 60.25 54.11 37.58
CA PRO A 773 61.59 54.70 37.78
C PRO A 773 62.50 53.77 38.58
N ASP B 5 -7.63 7.92 -7.77
CA ASP B 5 -8.99 7.45 -7.51
C ASP B 5 -9.32 6.28 -8.44
N GLU B 6 -8.39 5.33 -8.53
CA GLU B 6 -8.56 4.17 -9.40
C GLU B 6 -7.84 2.95 -8.84
N ARG B 7 -8.33 1.76 -9.18
CA ARG B 7 -7.67 0.51 -8.82
C ARG B 7 -7.66 -0.40 -10.04
N PHE B 8 -6.54 -1.10 -10.24
CA PHE B 8 -6.40 -1.98 -11.41
C PHE B 8 -6.43 -3.46 -11.01
N LEU B 9 -6.89 -4.30 -11.92
CA LEU B 9 -7.12 -5.72 -11.63
C LEU B 9 -5.86 -6.47 -11.19
N CYS B 10 -4.70 -5.93 -11.58
CA CYS B 10 -3.42 -6.49 -11.20
C CYS B 10 -2.56 -5.44 -10.50
N ARG B 11 -2.35 -5.62 -9.20
CA ARG B 11 -1.46 -4.73 -8.46
C ARG B 11 -0.05 -4.85 -9.00
N SER B 12 0.54 -3.70 -9.35
CA SER B 12 1.91 -3.68 -9.83
C SER B 12 2.74 -2.64 -9.07
N ILE B 13 4.00 -2.50 -9.45
CA ILE B 13 4.90 -1.54 -8.80
C ILE B 13 5.82 -0.85 -9.82
N ARG B 14 5.41 0.34 -10.25
CA ARG B 14 6.17 1.08 -11.25
C ARG B 14 7.48 1.58 -10.64
N LYS B 15 8.51 1.67 -11.47
CA LYS B 15 9.84 2.03 -11.00
C LYS B 15 10.49 3.07 -11.91
N LEU B 16 11.78 3.30 -11.71
CA LEU B 16 12.51 4.32 -12.44
C LEU B 16 14.01 4.03 -12.38
N VAL B 17 14.47 3.06 -13.16
CA VAL B 17 15.87 2.66 -13.10
C VAL B 17 16.60 2.69 -14.45
N TYR B 18 17.88 3.04 -14.42
CA TYR B 18 18.73 3.07 -15.61
C TYR B 18 19.84 2.03 -15.46
N ILE B 42 14.94 4.03 -17.36
CA ILE B 42 13.60 4.27 -17.87
C ILE B 42 12.54 3.87 -16.83
N GLN B 43 11.40 4.56 -16.84
CA GLN B 43 10.29 4.22 -15.96
C GLN B 43 9.73 2.84 -16.32
N ILE B 44 9.67 1.95 -15.34
CA ILE B 44 9.18 0.61 -15.59
C ILE B 44 8.08 0.18 -14.62
N GLU B 45 6.94 -0.22 -15.16
CA GLU B 45 5.89 -0.83 -14.35
C GLU B 45 6.15 -2.33 -14.26
N GLU B 46 5.83 -2.92 -13.13
CA GLU B 46 6.17 -4.32 -12.93
C GLU B 46 5.17 -5.02 -12.01
N CYS B 47 4.73 -6.19 -12.43
CA CYS B 47 3.81 -7.01 -11.66
C CYS B 47 4.31 -7.20 -10.23
N GLU B 48 3.37 -7.37 -9.32
CA GLU B 48 3.69 -7.85 -7.99
C GLU B 48 3.49 -9.35 -7.99
N GLY B 49 2.22 -9.75 -8.00
CA GLY B 49 1.87 -11.17 -7.99
C GLY B 49 1.58 -11.69 -9.36
N ALA B 50 2.63 -11.83 -10.17
CA ALA B 50 2.50 -12.44 -11.49
C ALA B 50 2.21 -13.93 -11.33
N ASP B 51 1.46 -14.48 -12.29
CA ASP B 51 1.06 -15.89 -12.30
C ASP B 51 0.12 -16.22 -11.13
N GLN B 52 -0.30 -15.19 -10.41
CA GLN B 52 -1.24 -15.33 -9.32
C GLN B 52 -2.54 -14.67 -9.72
N PRO B 53 -3.67 -15.14 -9.16
CA PRO B 53 -5.01 -14.62 -9.43
C PRO B 53 -5.10 -13.10 -9.36
N CYS B 54 -5.93 -12.50 -10.20
CA CYS B 54 -6.12 -11.06 -10.20
C CYS B 54 -7.03 -10.62 -9.08
N ASP B 55 -7.11 -9.32 -8.88
CA ASP B 55 -8.08 -8.77 -7.95
C ASP B 55 -9.47 -8.88 -8.55
N PHE B 56 -10.47 -9.07 -7.70
CA PHE B 56 -11.83 -9.32 -8.15
C PHE B 56 -11.81 -10.49 -9.12
N ALA B 57 -11.06 -11.53 -8.78
CA ALA B 57 -10.97 -12.70 -9.64
C ALA B 57 -12.29 -13.48 -9.66
N ALA B 58 -13.26 -12.99 -8.91
CA ALA B 58 -14.60 -13.59 -8.90
C ALA B 58 -15.60 -12.76 -9.70
N ASN B 59 -15.23 -11.54 -10.05
CA ASN B 59 -16.11 -10.67 -10.83
C ASN B 59 -16.07 -10.88 -12.34
N PHE B 60 -15.60 -12.05 -12.75
CA PHE B 60 -15.47 -12.35 -14.16
C PHE B 60 -16.35 -13.51 -14.57
N PRO B 61 -16.75 -13.54 -15.86
CA PRO B 61 -17.56 -14.62 -16.43
C PRO B 61 -16.92 -15.99 -16.21
N GLN B 62 -17.73 -17.04 -16.28
CA GLN B 62 -17.36 -18.34 -15.71
C GLN B 62 -16.19 -19.12 -16.32
N SER B 63 -16.08 -19.15 -17.65
CA SER B 63 -15.03 -19.94 -18.29
C SER B 63 -13.64 -19.30 -18.18
N TYR B 64 -13.60 -18.07 -17.66
CA TYR B 64 -12.37 -17.29 -17.65
C TYR B 64 -11.63 -17.37 -16.32
N ASN B 65 -10.31 -17.50 -16.43
CA ASN B 65 -9.44 -17.65 -15.28
C ASN B 65 -8.51 -16.45 -15.19
N PRO B 66 -8.75 -15.55 -14.22
CA PRO B 66 -7.96 -14.32 -14.07
C PRO B 66 -6.57 -14.59 -13.50
N ILE B 67 -5.55 -14.22 -14.26
CA ILE B 67 -4.16 -14.39 -13.84
C ILE B 67 -3.34 -13.24 -14.40
N CYS B 68 -2.57 -12.59 -13.52
CA CYS B 68 -1.90 -11.34 -13.86
C CYS B 68 -0.68 -11.57 -14.73
N LYS B 69 -0.56 -10.81 -15.81
CA LYS B 69 0.54 -11.00 -16.73
C LYS B 69 1.55 -9.87 -16.71
N GLN B 70 2.82 -10.25 -16.77
CA GLN B 70 3.91 -9.29 -16.87
C GLN B 70 4.18 -9.02 -18.35
N HIS B 71 3.86 -7.81 -18.79
CA HIS B 71 4.11 -7.42 -20.18
C HIS B 71 5.41 -6.62 -20.32
N TYR B 72 6.08 -6.80 -21.47
CA TYR B 72 7.34 -6.11 -21.72
C TYR B 72 7.27 -5.19 -22.92
N THR B 73 8.39 -4.59 -23.26
CA THR B 73 8.55 -3.76 -24.44
C THR B 73 9.99 -3.83 -24.91
N GLN B 74 10.23 -3.37 -26.14
CA GLN B 74 11.58 -3.32 -26.72
C GLN B 74 12.28 -4.67 -26.65
N LYS B 94 14.73 -6.08 -22.55
CA LYS B 94 13.59 -6.61 -21.80
C LYS B 94 13.18 -5.67 -20.68
N ILE B 95 12.33 -4.70 -21.00
CA ILE B 95 11.86 -3.73 -20.03
C ILE B 95 10.41 -3.98 -19.65
N PRO B 96 10.19 -4.48 -18.42
CA PRO B 96 8.85 -4.62 -17.84
C PRO B 96 8.12 -3.29 -17.92
N SER B 97 7.13 -3.22 -18.81
CA SER B 97 6.44 -1.96 -19.09
C SER B 97 5.04 -1.94 -18.49
N CYS B 98 4.49 -3.12 -18.25
CA CYS B 98 3.11 -3.21 -17.82
C CYS B 98 2.74 -4.51 -17.13
N CYS B 99 1.70 -4.45 -16.31
CA CYS B 99 1.21 -5.64 -15.63
C CYS B 99 -0.31 -5.64 -15.63
N LYS B 100 -0.89 -6.47 -16.50
CA LYS B 100 -2.33 -6.54 -16.63
C LYS B 100 -2.89 -7.97 -16.48
N CYS B 101 -4.19 -8.03 -16.29
CA CYS B 101 -4.89 -9.27 -16.00
C CYS B 101 -5.35 -9.96 -17.28
N ALA B 102 -4.90 -11.19 -17.46
CA ALA B 102 -5.26 -11.95 -18.65
C ALA B 102 -6.29 -13.00 -18.30
N LEU B 103 -7.53 -12.78 -18.70
CA LEU B 103 -8.55 -13.81 -18.56
C LEU B 103 -8.22 -14.93 -19.53
N LYS B 104 -7.66 -16.01 -18.99
CA LYS B 104 -7.25 -17.14 -19.83
C LYS B 104 -8.26 -18.28 -19.83
N THR B 105 -8.63 -18.67 -21.04
CA THR B 105 -9.60 -19.73 -21.27
C THR B 105 -8.90 -21.00 -21.69
N GLY B 106 -8.79 -21.96 -20.78
CA GLY B 106 -8.32 -23.28 -21.16
C GLY B 106 -9.40 -23.94 -21.99
N LEU B 107 -9.03 -24.95 -22.79
CA LEU B 107 -10.02 -25.73 -23.53
C LEU B 107 -10.48 -26.93 -22.71
N GLU B 108 -10.44 -26.78 -21.38
CA GLU B 108 -10.90 -27.80 -20.46
C GLU B 108 -11.74 -27.13 -19.37
N HIS B 109 -12.58 -27.91 -18.68
CA HIS B 109 -13.37 -27.39 -17.57
C HIS B 109 -12.63 -27.53 -16.23
N VAL C 1 -1.00 -25.43 -24.80
CA VAL C 1 -1.88 -26.45 -25.36
C VAL C 1 -2.69 -25.89 -26.55
N GLY C 2 -3.60 -26.70 -27.06
CA GLY C 2 -4.45 -26.27 -28.16
C GLY C 2 -5.50 -25.28 -27.71
N GLY C 3 -5.73 -24.25 -28.53
CA GLY C 3 -6.71 -23.22 -28.22
C GLY C 3 -6.51 -22.55 -26.87
N SER C 4 -5.26 -22.28 -26.51
CA SER C 4 -4.91 -21.70 -25.22
C SER C 4 -4.92 -20.17 -25.25
N ASP C 5 -5.94 -19.60 -25.88
CA ASP C 5 -6.06 -18.16 -26.04
C ASP C 5 -6.39 -17.48 -24.72
N GLU C 6 -5.80 -16.32 -24.51
CA GLU C 6 -6.05 -15.53 -23.30
C GLU C 6 -6.72 -14.22 -23.67
N ARG C 7 -7.72 -13.82 -22.89
CA ARG C 7 -8.49 -12.64 -23.25
C ARG C 7 -8.24 -11.49 -22.29
N PHE C 8 -7.78 -10.37 -22.83
CA PHE C 8 -7.54 -9.16 -22.05
C PHE C 8 -8.78 -8.28 -22.01
N LEU C 9 -8.91 -7.47 -20.96
CA LEU C 9 -10.09 -6.64 -20.79
C LEU C 9 -10.12 -5.47 -21.77
N CYS C 10 -8.95 -5.08 -22.25
CA CYS C 10 -8.82 -3.94 -23.16
C CYS C 10 -8.01 -4.30 -24.39
N ARG C 11 -8.59 -4.14 -25.57
CA ARG C 11 -7.87 -4.48 -26.78
C ARG C 11 -6.92 -3.35 -27.14
N SER C 12 -5.81 -3.73 -27.76
CA SER C 12 -4.73 -2.80 -28.04
C SER C 12 -3.89 -3.28 -29.22
N ILE C 13 -3.09 -2.39 -29.77
CA ILE C 13 -2.29 -2.72 -30.95
C ILE C 13 -0.81 -2.62 -30.66
N ARG C 14 -0.14 -3.76 -30.58
CA ARG C 14 1.31 -3.80 -30.41
C ARG C 14 2.05 -3.56 -31.72
N LYS C 15 2.73 -2.43 -31.81
CA LYS C 15 3.46 -2.06 -33.02
C LYS C 15 4.90 -1.73 -32.67
N LEU C 16 5.69 -1.34 -33.67
CA LEU C 16 7.08 -0.96 -33.44
C LEU C 16 7.28 0.56 -33.56
N LYS C 39 17.93 4.51 -36.23
CA LYS C 39 18.95 3.95 -35.34
C LYS C 39 18.40 2.76 -34.55
N GLN C 40 17.18 2.90 -34.05
CA GLN C 40 16.53 1.86 -33.25
C GLN C 40 15.06 2.20 -33.04
N ALA C 41 14.18 1.23 -33.27
CA ALA C 41 12.74 1.43 -33.11
C ALA C 41 12.29 1.00 -31.72
N ILE C 42 11.03 1.31 -31.37
CA ILE C 42 10.52 0.97 -30.05
C ILE C 42 9.11 0.34 -30.07
N GLN C 43 9.01 -0.85 -29.50
CA GLN C 43 7.74 -1.56 -29.42
C GLN C 43 6.81 -0.93 -28.38
N ILE C 44 5.69 -0.39 -28.83
CA ILE C 44 4.72 0.19 -27.92
C ILE C 44 3.39 -0.56 -27.96
N GLU C 45 2.55 -0.32 -26.96
CA GLU C 45 1.17 -0.78 -26.99
C GLU C 45 0.23 0.41 -26.79
N GLU C 46 -0.80 0.48 -27.62
CA GLU C 46 -1.70 1.63 -27.59
C GLU C 46 -3.15 1.17 -27.60
N CYS C 47 -3.95 1.80 -26.74
CA CYS C 47 -5.38 1.57 -26.67
C CYS C 47 -6.00 1.62 -28.06
N GLU C 48 -6.75 0.58 -28.42
CA GLU C 48 -7.46 0.58 -29.69
C GLU C 48 -8.42 1.75 -29.72
N GLY C 49 -9.20 1.90 -28.66
CA GLY C 49 -10.11 3.02 -28.55
C GLY C 49 -9.81 3.87 -27.34
N ALA C 50 -10.26 5.11 -27.37
CA ALA C 50 -10.09 6.00 -26.23
C ALA C 50 -11.35 6.00 -25.37
N ASP C 51 -11.20 5.51 -24.13
CA ASP C 51 -12.29 5.50 -23.14
C ASP C 51 -13.41 4.52 -23.46
N GLN C 52 -13.09 3.47 -24.19
CA GLN C 52 -14.07 2.43 -24.44
C GLN C 52 -14.27 1.58 -23.18
N PRO C 53 -15.52 1.21 -22.88
CA PRO C 53 -15.84 0.32 -21.77
C PRO C 53 -15.03 -0.96 -21.81
N CYS C 54 -14.74 -1.52 -20.64
CA CYS C 54 -13.89 -2.69 -20.55
C CYS C 54 -14.70 -3.92 -20.87
N ASP C 55 -14.03 -4.99 -21.28
CA ASP C 55 -14.70 -6.25 -21.54
C ASP C 55 -14.91 -7.02 -20.24
N PHE C 56 -15.81 -7.98 -20.25
CA PHE C 56 -16.06 -8.85 -19.10
C PHE C 56 -16.31 -8.04 -17.83
N ALA C 57 -16.78 -6.81 -18.00
CA ALA C 57 -16.95 -5.88 -16.90
C ALA C 57 -18.41 -5.76 -16.48
N ALA C 58 -19.12 -6.89 -16.49
CA ALA C 58 -20.54 -6.89 -16.19
C ALA C 58 -20.81 -7.09 -14.71
N ASN C 59 -19.83 -7.65 -14.00
CA ASN C 59 -20.04 -8.04 -12.60
C ASN C 59 -19.53 -7.04 -11.57
N PHE C 60 -18.65 -6.15 -12.01
CA PHE C 60 -18.20 -5.04 -11.19
C PHE C 60 -19.38 -4.14 -10.83
N PRO C 61 -19.36 -3.57 -9.61
CA PRO C 61 -20.46 -2.75 -9.10
C PRO C 61 -20.84 -1.61 -10.04
N GLN C 62 -22.08 -1.17 -9.93
CA GLN C 62 -22.60 -0.10 -10.76
C GLN C 62 -21.75 1.16 -10.62
N SER C 63 -21.03 1.22 -9.50
CA SER C 63 -20.26 2.39 -9.14
C SER C 63 -18.91 2.41 -9.82
N TYR C 64 -18.28 1.25 -9.95
CA TYR C 64 -16.90 1.15 -10.43
C TYR C 64 -16.69 1.77 -11.80
N ASN C 65 -17.74 1.75 -12.61
CA ASN C 65 -17.69 2.26 -13.98
C ASN C 65 -16.37 1.99 -14.68
N PRO C 66 -16.12 0.74 -15.05
CA PRO C 66 -14.87 0.37 -15.71
C PRO C 66 -14.67 0.99 -17.09
N ILE C 67 -13.52 1.64 -17.27
CA ILE C 67 -13.14 2.35 -18.47
C ILE C 67 -11.73 1.93 -18.84
N CYS C 68 -11.42 1.86 -20.13
CA CYS C 68 -10.07 1.54 -20.57
C CYS C 68 -9.19 2.79 -20.55
N LYS C 69 -7.98 2.65 -20.02
CA LYS C 69 -7.06 3.77 -19.95
C LYS C 69 -5.74 3.50 -20.67
N GLN C 70 -5.08 4.58 -21.10
CA GLN C 70 -3.79 4.49 -21.79
C GLN C 70 -2.64 4.76 -20.82
N HIS C 71 -1.79 3.75 -20.61
CA HIS C 71 -0.62 3.90 -19.72
C HIS C 71 0.68 4.08 -20.50
N TYR C 72 1.57 4.90 -19.96
CA TYR C 72 2.83 5.21 -20.64
C TYR C 72 4.07 4.70 -19.91
N THR C 73 5.24 5.08 -20.42
CA THR C 73 6.52 4.72 -19.82
C THR C 73 7.57 5.78 -20.17
N LYS C 94 7.95 10.75 -22.77
CA LYS C 94 6.70 10.03 -22.58
C LYS C 94 6.41 9.11 -23.76
N ILE C 95 5.91 7.91 -23.47
CA ILE C 95 5.70 6.89 -24.51
C ILE C 95 4.78 5.76 -24.04
N PRO C 96 3.76 5.41 -24.85
CA PRO C 96 2.80 4.33 -24.55
C PRO C 96 3.49 3.02 -24.18
N SER C 97 2.90 2.28 -23.25
CA SER C 97 3.52 1.05 -22.76
C SER C 97 2.54 -0.11 -22.80
N CYS C 98 1.30 0.18 -22.44
CA CYS C 98 0.22 -0.80 -22.47
C CYS C 98 -1.11 -0.12 -22.20
N CYS C 99 -2.18 -0.91 -22.21
CA CYS C 99 -3.52 -0.39 -22.06
C CYS C 99 -4.31 -1.21 -21.03
N LYS C 100 -4.67 -0.58 -19.93
CA LYS C 100 -5.29 -1.29 -18.80
C LYS C 100 -6.71 -0.81 -18.53
N CYS C 101 -7.51 -1.67 -17.90
CA CYS C 101 -8.87 -1.32 -17.52
C CYS C 101 -8.86 -0.73 -16.13
N ALA C 102 -9.69 0.29 -15.90
CA ALA C 102 -9.57 1.11 -14.70
C ALA C 102 -10.87 1.29 -13.94
N LEU C 103 -10.97 0.62 -12.81
CA LEU C 103 -12.16 0.69 -11.97
C LEU C 103 -12.04 1.88 -11.03
N LYS C 104 -13.18 2.45 -10.66
CA LYS C 104 -13.22 3.55 -9.69
C LYS C 104 -13.57 3.04 -8.30
N THR C 105 -12.55 2.84 -7.47
CA THR C 105 -12.73 2.42 -6.08
C THR C 105 -11.50 2.76 -5.24
N GLY C 106 -11.45 2.24 -4.02
CA GLY C 106 -10.31 2.45 -3.15
C GLY C 106 -9.26 1.37 -3.31
N LEU C 107 -8.03 1.69 -2.92
CA LEU C 107 -6.94 0.73 -2.99
C LEU C 107 -6.85 -0.11 -1.71
C1 NAG D . -10.76 -20.08 -0.58
C2 NAG D . -9.95 -19.58 -1.79
C3 NAG D . -8.51 -20.07 -1.72
C4 NAG D . -7.87 -19.72 -0.38
C5 NAG D . -8.76 -20.26 0.76
C6 NAG D . -8.25 -19.87 2.13
C7 NAG D . -11.26 -19.19 -3.83
C8 NAG D . -11.82 -19.80 -5.08
N2 NAG D . -10.56 -20.02 -3.04
O3 NAG D . -7.73 -19.48 -2.76
O4 NAG D . -6.59 -20.35 -0.30
O5 NAG D . -10.08 -19.69 0.64
O6 NAG D . -8.70 -18.58 2.51
O7 NAG D . -11.43 -18.01 -3.54
C1 NAG D . -5.47 -19.42 -0.27
C2 NAG D . -4.37 -20.15 0.46
C3 NAG D . -3.18 -19.24 0.64
C4 NAG D . -2.75 -18.60 -0.68
C5 NAG D . -3.92 -18.11 -1.53
C6 NAG D . -3.55 -17.91 -2.99
C7 NAG D . -4.55 -21.84 2.24
C8 NAG D . -3.66 -22.69 1.39
N2 NAG D . -4.85 -20.63 1.75
O3 NAG D . -2.09 -19.99 1.16
O4 NAG D . -1.87 -17.52 -0.37
O5 NAG D . -5.01 -19.05 -1.55
O6 NAG D . -3.12 -16.58 -3.29
O7 NAG D . -4.98 -22.22 3.33
C1 BMA D . -0.59 -17.73 -0.98
C2 BMA D . -0.07 -16.43 -1.61
C3 BMA D . 1.03 -16.88 -2.52
C4 BMA D . 2.17 -17.50 -1.67
C5 BMA D . 1.61 -18.73 -0.86
C6 BMA D . 2.62 -19.28 0.17
O2 BMA D . 0.53 -15.62 -0.64
O3 BMA D . 1.47 -15.91 -3.55
O4 BMA D . 3.23 -17.92 -2.50
O5 BMA D . 0.39 -18.35 -0.16
O6 BMA D . 2.35 -20.65 0.47
C1 BMA D . 1.74 -14.55 -3.19
C2 BMA D . 3.24 -14.44 -3.32
C3 BMA D . 3.65 -13.25 -4.24
C4 BMA D . 2.82 -11.96 -4.01
C5 BMA D . 1.34 -12.25 -3.78
C6 BMA D . 0.46 -11.38 -4.66
O2 BMA D . 3.72 -15.65 -3.91
O3 BMA D . 3.74 -13.60 -5.65
O4 BMA D . 3.35 -11.23 -2.91
O5 BMA D . 1.07 -13.64 -4.04
O6 BMA D . -0.89 -11.47 -4.23
C1 MAN D . 5.11 -13.94 -5.92
C2 MAN D . 5.59 -13.36 -7.28
C3 MAN D . 5.26 -14.32 -8.46
C4 MAN D . 5.56 -15.81 -8.12
C5 MAN D . 4.88 -16.21 -6.80
C6 MAN D . 5.19 -17.64 -6.38
O2 MAN D . 7.01 -13.13 -7.30
O3 MAN D . 5.97 -13.94 -9.64
O4 MAN D . 5.07 -16.66 -9.18
O5 MAN D . 5.35 -15.33 -5.75
O6 MAN D . 4.11 -18.15 -5.60
C1 NAG E . -8.74 7.15 11.74
C2 NAG E . -8.68 7.93 10.42
C3 NAG E . -9.89 8.86 10.30
C4 NAG E . -11.20 8.13 10.58
C5 NAG E . -11.11 7.25 11.83
C6 NAG E . -12.30 6.31 11.97
C7 NAG E . -6.29 8.15 9.91
C8 NAG E . -5.12 9.08 9.83
N2 NAG E . -7.45 8.68 10.31
O3 NAG E . -9.92 9.43 9.00
O4 NAG E . -12.18 9.11 10.89
O5 NAG E . -9.94 6.42 11.80
O6 NAG E . -11.99 5.17 12.76
O7 NAG E . -6.20 6.95 9.64
C1 NAG E . -13.32 9.24 10.01
C2 NAG E . -13.07 8.96 8.53
C3 NAG E . -14.24 8.17 7.94
C4 NAG E . -15.58 8.73 8.40
C5 NAG E . -15.65 8.77 9.92
C6 NAG E . -16.66 7.81 10.50
C7 NAG E . -12.07 10.33 6.73
C8 NAG E . -11.37 9.08 6.28
N2 NAG E . -12.87 10.20 7.80
O3 NAG E . -14.12 6.80 8.33
O4 NAG E . -15.77 10.05 7.89
O5 NAG E . -14.38 8.41 10.48
O6 NAG E . -16.56 7.73 11.92
O7 NAG E . -11.93 11.40 6.15
C1 NAG F . 5.22 4.19 8.98
C2 NAG F . 6.17 4.17 7.77
C3 NAG F . 6.32 5.58 7.20
C4 NAG F . 4.95 6.20 6.93
C5 NAG F . 4.08 6.10 8.18
C6 NAG F . 2.67 6.57 7.96
C7 NAG F . 7.75 2.33 8.17
C8 NAG F . 9.15 1.97 8.55
N2 NAG F . 7.47 3.64 8.13
O3 NAG F . 7.08 5.50 6.00
O4 NAG F . 5.09 7.59 6.63
O5 NAG F . 3.99 4.73 8.60
O6 NAG F . 2.56 7.97 8.19
O7 NAG F . 6.91 1.47 7.90
C1 NAG F . 5.35 7.94 5.25
C2 NAG F . 5.45 9.45 5.20
C3 NAG F . 5.53 9.93 3.75
C4 NAG F . 6.65 9.20 3.00
C5 NAG F . 6.63 7.69 3.26
C6 NAG F . 7.89 6.99 2.79
C7 NAG F . 3.06 9.94 5.60
C8 NAG F . 2.09 10.69 6.46
N2 NAG F . 4.36 10.09 5.91
O3 NAG F . 5.77 11.33 3.73
O4 NAG F . 6.48 9.43 1.61
O5 NAG F . 6.49 7.38 4.66
O6 NAG F . 8.12 7.19 1.41
O7 NAG F . 2.69 9.24 4.66
C1 BMA F . 7.49 10.29 1.06
C2 BMA F . 7.35 10.26 -0.47
C3 BMA F . 8.45 11.12 -1.11
C4 BMA F . 8.50 12.52 -0.47
C5 BMA F . 8.62 12.40 1.06
C6 BMA F . 8.60 13.75 1.77
O2 BMA F . 6.10 10.84 -0.85
O3 BMA F . 8.31 11.21 -2.54
O4 BMA F . 9.59 13.27 -0.98
O5 BMA F . 7.51 11.60 1.56
O6 BMA F . 7.41 14.44 1.40
C1 NAG G . -26.38 -8.51 -43.77
C2 NAG G . -26.20 -7.12 -44.38
C3 NAG G . -27.37 -6.20 -44.01
C4 NAG G . -28.71 -6.86 -44.33
C5 NAG G . -28.77 -8.26 -43.73
C6 NAG G . -30.01 -9.03 -44.14
C7 NAG G . -23.90 -6.35 -44.79
C8 NAG G . -24.10 -6.77 -46.21
N2 NAG G . -24.94 -6.54 -43.96
O3 NAG G . -27.20 -4.97 -44.70
O4 NAG G . -29.79 -6.13 -43.78
O5 NAG G . -27.65 -9.04 -44.17
O6 NAG G . -30.77 -9.44 -43.02
O7 NAG G . -22.84 -5.86 -44.39
C1 NAG G . -30.21 -4.94 -44.51
C2 NAG G . -31.64 -5.09 -45.07
C3 NAG G . -32.06 -3.82 -45.78
C4 NAG G . -31.90 -2.61 -44.87
C5 NAG G . -30.46 -2.54 -44.35
C6 NAG G . -30.23 -1.41 -43.38
C7 NAG G . -32.85 -6.99 -46.05
C8 NAG G . -32.80 -8.13 -47.01
N2 NAG G . -31.75 -6.24 -45.95
O3 NAG G . -33.42 -3.93 -46.21
O4 NAG G . -32.22 -1.41 -45.56
O5 NAG G . -30.14 -3.76 -43.68
O6 NAG G . -28.92 -0.87 -43.51
O7 NAG G . -33.86 -6.73 -45.41
C1 NAG H . -26.42 -36.20 -14.71
C2 NAG H . -25.43 -37.31 -14.38
C3 NAG H . -26.11 -38.68 -14.45
C4 NAG H . -27.39 -38.69 -13.62
C5 NAG H . -28.27 -37.49 -13.98
C6 NAG H . -29.50 -37.38 -13.12
C7 NAG H . -23.03 -37.11 -14.86
C8 NAG H . -21.98 -37.07 -15.92
N2 NAG H . -24.29 -37.26 -15.28
O3 NAG H . -25.18 -39.66 -13.98
O4 NAG H . -28.16 -39.87 -13.87
O5 NAG H . -27.53 -36.27 -13.83
O6 NAG H . -30.41 -38.45 -13.36
O7 NAG H . -22.75 -37.00 -13.66
C1 NAG H . -27.71 -41.07 -13.21
C2 NAG H . -28.04 -41.10 -11.71
C3 NAG H . -28.96 -42.28 -11.40
C4 NAG H . -30.11 -42.34 -12.40
C5 NAG H . -29.55 -42.60 -13.80
C6 NAG H . -30.21 -41.78 -14.88
C7 NAG H . -26.58 -40.34 -9.89
C8 NAG H . -27.62 -39.28 -9.64
N2 NAG H . -26.84 -41.18 -10.90
O3 NAG H . -29.48 -42.17 -10.07
O4 NAG H . -31.01 -43.39 -12.05
O5 NAG H . -28.13 -42.32 -13.84
O6 NAG H . -29.90 -42.28 -16.18
O7 NAG H . -25.56 -40.42 -9.22
C1 NAG I . 27.99 53.71 35.41
C2 NAG I . 27.28 54.98 35.90
C3 NAG I . 26.82 55.81 34.71
C4 NAG I . 27.97 56.06 33.76
C5 NAG I . 28.64 54.74 33.38
C6 NAG I . 29.85 54.91 32.51
C7 NAG I . 26.27 54.50 38.09
C8 NAG I . 25.02 54.15 38.83
N2 NAG I . 26.17 54.64 36.76
O3 NAG I . 26.28 57.05 35.16
O4 NAG I . 27.49 56.66 32.56
O5 NAG I . 29.07 54.06 34.56
O6 NAG I . 29.84 54.00 31.41
O7 NAG I . 27.35 54.66 38.67
C1 NAG I . 27.82 58.06 32.51
C2 NAG I . 26.81 58.74 31.60
C3 NAG I . 27.19 60.20 31.39
C4 NAG I . 27.35 60.89 32.74
C5 NAG I . 28.30 60.11 33.64
C6 NAG I . 28.37 60.66 35.05
C7 NAG I . 25.76 57.14 30.04
C8 NAG I . 24.73 56.90 31.10
N2 NAG I . 26.71 58.04 30.33
O3 NAG I . 26.20 60.87 30.62
O4 NAG I . 27.87 62.20 32.55
O5 NAG I . 27.86 58.75 33.76
O6 NAG I . 27.08 60.93 35.58
O7 NAG I . 25.71 56.57 28.95
C1 NAG J . -10.80 -29.52 10.11
C2 NAG J . -11.51 -30.07 11.37
C3 NAG J . -11.50 -31.61 11.41
C4 NAG J . -11.96 -32.19 10.08
C5 NAG J . -11.11 -31.59 8.96
C6 NAG J . -11.46 -32.10 7.59
C7 NAG J . -9.64 -29.45 12.90
C8 NAG J . -9.30 -28.84 14.22
N2 NAG J . -10.94 -29.51 12.60
O3 NAG J . -12.37 -32.07 12.43
O4 NAG J . -11.84 -33.60 10.07
O5 NAG J . -11.31 -30.18 8.94
O6 NAG J . -10.38 -31.87 6.70
O7 NAG J . -8.77 -29.88 12.14
C1 NAG J . -13.14 -34.24 10.18
C2 NAG J . -13.00 -35.69 10.65
C3 NAG J . -14.36 -36.37 10.70
C4 NAG J . -15.35 -35.55 11.50
C5 NAG J . -15.37 -34.08 11.04
C6 NAG J . -16.18 -33.17 11.94
C7 NAG J . -10.77 -36.40 9.89
C8 NAG J . -10.00 -37.24 8.90
N2 NAG J . -12.10 -36.43 9.77
O3 NAG J . -14.20 -37.65 11.33
O4 NAG J . -16.65 -36.11 11.33
O5 NAG J . -14.03 -33.55 11.06
O6 NAG J . -17.40 -33.79 12.34
O7 NAG J . -10.21 -35.71 10.73
C1 NAG K . -40.91 -11.59 -17.93
C2 NAG K . -42.43 -11.55 -17.71
C3 NAG K . -42.96 -10.14 -17.94
C4 NAG K . -42.17 -9.13 -17.11
C5 NAG K . -40.69 -9.27 -17.40
C6 NAG K . -39.83 -8.34 -16.57
C7 NAG K . -43.80 -13.55 -18.10
C8 NAG K . -44.42 -14.44 -19.13
N2 NAG K . -43.10 -12.50 -18.56
O3 NAG K . -44.34 -10.09 -17.58
O4 NAG K . -42.58 -7.80 -17.43
O5 NAG K . -40.27 -10.61 -17.10
O6 NAG K . -40.48 -7.10 -16.36
O7 NAG K . -43.92 -13.76 -16.88
C1 NAG L . -5.37 2.73 -40.94
C2 NAG L . -5.00 3.31 -39.58
C3 NAG L . -5.72 4.64 -39.37
C4 NAG L . -5.47 5.57 -40.54
C5 NAG L . -5.80 4.88 -41.86
C6 NAG L . -5.45 5.71 -43.07
C7 NAG L . -4.40 1.68 -37.85
C8 NAG L . -4.90 0.76 -36.79
N2 NAG L . -5.33 2.37 -38.52
O3 NAG L . -5.24 5.23 -38.16
O4 NAG L . -6.29 6.73 -40.41
O5 NAG L . -5.05 3.65 -41.97
O6 NAG L . -6.07 6.99 -43.01
O7 NAG L . -3.20 1.80 -38.10
C1 NAG M . -4.61 10.36 24.86
C2 NAG M . -5.58 9.47 25.68
C3 NAG M . -6.16 10.22 26.88
C4 NAG M . -5.09 10.94 27.68
C5 NAG M . -4.27 11.81 26.72
C6 NAG M . -3.15 12.57 27.40
C7 NAG M . -7.57 9.74 24.24
C8 NAG M . -8.58 9.00 23.41
N2 NAG M . -6.64 8.97 24.82
O3 NAG M . -6.84 9.29 27.71
O4 NAG M . -5.68 11.73 28.70
O5 NAG M . -3.66 10.97 25.73
O6 NAG M . -3.60 13.82 27.88
O7 NAG M . -7.58 10.96 24.35
C1 NAG N . -12.15 -33.35 -37.34
C2 NAG N . -12.18 -33.19 -38.88
C3 NAG N . -10.84 -33.56 -39.56
C4 NAG N . -10.15 -34.77 -38.94
C5 NAG N . -10.55 -34.99 -37.50
C6 NAG N . -9.42 -35.54 -36.66
C7 NAG N . -14.47 -33.36 -39.73
C8 NAG N . -14.61 -31.92 -39.36
N2 NAG N . -13.28 -33.93 -39.47
O3 NAG N . -9.98 -32.43 -39.54
O4 NAG N . -10.33 -35.95 -39.74
O5 NAG N . -10.90 -33.73 -36.94
O6 NAG N . -9.88 -36.07 -35.43
O7 NAG N . -15.40 -33.99 -40.23
C1 NAG O . 15.60 46.06 35.81
C2 NAG O . 14.32 45.52 35.16
C3 NAG O . 13.16 45.55 36.17
C4 NAG O . 13.56 44.90 37.50
C5 NAG O . 14.90 45.45 38.00
C6 NAG O . 15.42 44.72 39.21
C7 NAG O . 13.03 45.95 33.10
C8 NAG O . 12.85 46.87 31.93
N2 NAG O . 13.99 46.28 33.97
O3 NAG O . 12.05 44.85 35.62
O4 NAG O . 12.58 45.17 38.49
O5 NAG O . 15.90 45.31 36.98
O6 NAG O . 14.35 44.25 40.04
O7 NAG O . 12.32 44.96 33.27
N1 EPE P . -23.82 -5.42 -25.57
C2 EPE P . -24.24 -4.49 -24.52
C3 EPE P . -25.51 -5.05 -23.88
N4 EPE P . -26.14 -6.04 -24.74
C5 EPE P . -26.14 -5.84 -26.18
C6 EPE P . -24.78 -5.37 -26.68
C7 EPE P . -27.08 -6.98 -24.16
C8 EPE P . -28.50 -6.72 -24.63
O8 EPE P . -28.82 -5.37 -24.43
C9 EPE P . -22.47 -5.10 -26.04
C10 EPE P . -22.48 -3.93 -27.01
S EPE P . -21.46 -4.24 -28.47
O1S EPE P . -21.95 -3.41 -29.56
O2S EPE P . -20.07 -3.89 -28.19
O3S EPE P . -21.53 -5.65 -28.85
#